data_8P89
#
_entry.id   8P89
#
_cell.length_a   145.215
_cell.length_b   145.215
_cell.length_c   245.184
_cell.angle_alpha   90.00
_cell.angle_beta   90.00
_cell.angle_gamma   90.00
#
_symmetry.space_group_name_H-M   'I 41 2 2'
#
loop_
_entity.id
_entity.type
_entity.pdbx_description
1 polymer 'Light chain H3'
2 polymer 'Nanobody B5'
3 non-polymer 'CHLORIDE ION'
4 water water
#
loop_
_entity_poly.entity_id
_entity_poly.type
_entity_poly.pdbx_seq_one_letter_code
_entity_poly.pdbx_strand_id
1 'polypeptide(L)'
;QSVLTQPPSTSGTPGQRVTISCSGSSSNIETNTVNWYQQLPGTAPKLVMHTNNQRPSGVPDRFSGSRSGTSASLAIGGLQ
SEDEADYFCAAWDDNLNGVIFGGGTKLTVLGQPKAAPSVTLFPPSSEELQANKATLVCLISDFYPGAVTVAWKADSSPVK
AGVETTTPSKQSNNKYAASSYLSLTPEQWKSHKSYSCQVTHEGSTVEKTVAPTECS
;
A,B
2 'polypeptide(L)'
;QVQLVESGGALVEPGGSLRLSCVASGFPFNEYDMSWVRQAPGKGLEWVSTIKSDGAYTYYGDNVKGRFTISRDNAKNTLY
LQMNSLKSEDTGVYYCAKEARIGVSGTYDYWGQGTQVTVS
;
C,D
#
loop_
_chem_comp.id
_chem_comp.type
_chem_comp.name
_chem_comp.formula
CL non-polymer 'CHLORIDE ION' 'Cl -1'
#
# COMPACT_ATOMS: atom_id res chain seq x y z
N VAL A 3 19.58 6.56 13.86
CA VAL A 3 19.19 6.53 12.46
C VAL A 3 19.73 7.76 11.76
N LEU A 4 19.43 7.86 10.46
CA LEU A 4 19.79 9.02 9.66
C LEU A 4 18.56 9.90 9.45
N THR A 5 18.78 11.22 9.42
CA THR A 5 17.69 12.17 9.37
C THR A 5 17.18 12.31 7.93
N GLN A 6 15.93 11.93 7.71
CA GLN A 6 15.24 12.07 6.44
C GLN A 6 13.90 12.73 6.69
N PRO A 7 13.42 13.53 5.75
CA PRO A 7 12.10 14.14 5.90
C PRO A 7 11.04 13.06 5.85
N PRO A 8 10.06 13.08 6.75
CA PRO A 8 9.01 12.06 6.69
C PRO A 8 8.23 12.13 5.39
N SER A 9 7.94 13.35 4.94
CA SER A 9 7.22 13.57 3.70
C SER A 9 7.94 14.63 2.87
N THR A 10 8.06 14.38 1.58
CA THR A 10 8.53 15.37 0.63
C THR A 10 7.69 15.23 -0.63
N SER A 11 7.43 16.36 -1.27
CA SER A 11 6.50 16.35 -2.39
C SER A 11 6.81 17.50 -3.33
N GLY A 12 6.32 17.36 -4.56
CA GLY A 12 6.53 18.37 -5.59
C GLY A 12 5.54 18.19 -6.71
N THR A 13 5.27 19.27 -7.42
CA THR A 13 4.31 19.23 -8.51
C THR A 13 4.84 18.39 -9.66
N PRO A 14 3.95 17.81 -10.48
CA PRO A 14 4.40 17.00 -11.62
C PRO A 14 5.33 17.77 -12.54
N GLY A 15 6.49 17.18 -12.82
CA GLY A 15 7.47 17.78 -13.69
C GLY A 15 8.49 18.66 -13.00
N GLN A 16 8.40 18.82 -11.69
CA GLN A 16 9.38 19.62 -10.95
C GLN A 16 10.55 18.75 -10.55
N ARG A 17 11.58 19.38 -10.01
CA ARG A 17 12.76 18.68 -9.51
C ARG A 17 12.79 18.79 -8.00
N VAL A 18 12.85 17.65 -7.32
CA VAL A 18 12.82 17.59 -5.87
C VAL A 18 14.04 16.84 -5.35
N THR A 19 14.36 17.09 -4.09
CA THR A 19 15.49 16.45 -3.42
C THR A 19 15.03 15.83 -2.11
N ILE A 20 15.69 14.74 -1.72
CA ILE A 20 15.48 14.09 -0.43
C ILE A 20 16.80 14.20 0.32
N SER A 21 16.77 14.78 1.51
CA SER A 21 17.98 15.06 2.27
C SER A 21 18.18 13.97 3.33
N CYS A 22 19.39 13.41 3.37
CA CYS A 22 19.75 12.40 4.36
C CYS A 22 21.02 12.86 5.07
N SER A 23 20.91 13.16 6.37
CA SER A 23 22.01 13.65 7.17
C SER A 23 22.12 12.81 8.44
N GLY A 24 23.35 12.60 8.89
CA GLY A 24 23.57 11.74 10.04
C GLY A 24 24.69 12.18 10.95
N SER A 25 25.82 11.50 10.89
CA SER A 25 26.94 11.80 11.79
C SER A 25 28.24 11.64 11.02
N SER A 26 29.32 12.04 11.65
CA SER A 26 30.63 11.96 11.05
C SER A 26 31.06 10.52 10.94
N SER A 27 30.48 9.71 11.81
CA SER A 27 30.73 8.30 11.91
C SER A 27 30.30 7.53 10.69
N ASN A 28 29.19 7.94 10.09
CA ASN A 28 28.67 7.22 8.95
C ASN A 28 28.87 7.82 7.59
N ILE A 29 28.04 8.75 7.18
CA ILE A 29 28.11 9.30 5.85
C ILE A 29 29.34 10.01 5.49
N GLU A 30 29.96 10.66 6.45
CA GLU A 30 31.12 11.46 6.16
C GLU A 30 32.23 10.65 5.61
N THR A 31 32.46 9.49 6.19
CA THR A 31 33.52 8.64 5.75
C THR A 31 32.96 7.29 5.50
N ASN A 32 32.23 7.21 4.41
CA ASN A 32 31.55 6.06 3.77
C ASN A 32 30.71 6.62 2.64
N THR A 33 30.01 5.75 1.94
CA THR A 33 29.19 6.20 0.84
C THR A 33 27.76 5.97 1.17
N VAL A 34 26.86 6.72 0.57
CA VAL A 34 25.45 6.60 0.85
C VAL A 34 24.65 6.08 -0.29
N ASN A 35 23.85 5.05 -0.08
CA ASN A 35 23.05 4.47 -1.14
C ASN A 35 21.61 4.77 -0.93
N TRP A 36 20.83 4.66 -1.97
CA TRP A 36 19.42 5.02 -1.92
C TRP A 36 18.58 3.85 -2.42
N TYR A 37 17.49 3.59 -1.70
CA TYR A 37 16.58 2.51 -2.06
C TYR A 37 15.17 3.06 -2.19
N GLN A 38 14.42 2.46 -3.11
CA GLN A 38 13.04 2.82 -3.35
C GLN A 38 12.18 1.60 -3.08
N GLN A 39 11.16 1.77 -2.25
CA GLN A 39 10.30 0.67 -1.86
C GLN A 39 8.85 1.04 -2.11
N LEU A 40 8.17 0.22 -2.86
CA LEU A 40 6.72 0.37 -2.97
C LEU A 40 6.05 -0.40 -1.83
N PRO A 41 4.97 0.12 -1.26
CA PRO A 41 4.47 -0.44 0.01
C PRO A 41 4.09 -1.91 -0.13
N GLY A 42 4.58 -2.72 0.80
CA GLY A 42 4.33 -4.15 0.80
C GLY A 42 5.18 -4.97 -0.14
N THR A 43 6.25 -4.39 -0.69
CA THR A 43 7.13 -5.10 -1.62
C THR A 43 8.57 -4.89 -1.20
N ALA A 44 9.47 -5.67 -1.81
CA ALA A 44 10.89 -5.54 -1.52
C ALA A 44 11.42 -4.22 -2.07
N PRO A 45 12.40 -3.61 -1.40
CA PRO A 45 13.00 -2.37 -1.91
C PRO A 45 13.86 -2.63 -3.13
N LYS A 46 14.22 -1.54 -3.80
CA LYS A 46 15.09 -1.58 -4.97
C LYS A 46 16.17 -0.52 -4.83
N LEU A 47 17.39 -0.88 -5.20
CA LEU A 47 18.50 0.05 -5.16
C LEU A 47 18.44 0.96 -6.38
N VAL A 48 18.37 2.27 -6.14
CA VAL A 48 18.25 3.25 -7.21
C VAL A 48 19.47 4.16 -7.32
N MET A 49 20.28 4.28 -6.28
CA MET A 49 21.50 5.07 -6.34
C MET A 49 22.51 4.45 -5.39
N HIS A 50 23.69 4.13 -5.91
CA HIS A 50 24.72 3.47 -5.12
C HIS A 50 26.03 4.24 -5.25
N THR A 51 26.82 4.18 -4.18
CA THR A 51 28.07 4.92 -4.08
C THR A 51 27.84 6.39 -4.43
N ASN A 52 26.73 6.87 -3.91
CA ASN A 52 26.31 8.23 -4.05
C ASN A 52 25.94 8.73 -5.39
N ASN A 53 26.89 8.74 -6.30
CA ASN A 53 26.58 9.32 -7.56
C ASN A 53 26.51 8.37 -8.69
N GLN A 54 26.50 7.09 -8.42
CA GLN A 54 26.47 6.15 -9.50
C GLN A 54 25.09 5.61 -9.56
N ARG A 55 24.57 5.42 -10.76
CA ARG A 55 23.20 4.98 -10.91
C ARG A 55 23.16 3.59 -11.51
N PRO A 56 22.42 2.65 -10.90
CA PRO A 56 22.37 1.29 -11.43
C PRO A 56 21.73 1.25 -12.81
N SER A 57 22.09 0.20 -13.57
CA SER A 57 21.51 0.01 -14.88
C SER A 57 20.00 -0.14 -14.77
N GLY A 58 19.27 0.56 -15.63
CA GLY A 58 17.82 0.59 -15.56
C GLY A 58 17.25 1.76 -14.82
N VAL A 59 18.09 2.62 -14.24
CA VAL A 59 17.65 3.76 -13.46
C VAL A 59 17.64 5.00 -14.35
N PRO A 60 16.55 5.76 -14.40
CA PRO A 60 16.47 6.87 -15.35
C PRO A 60 17.56 7.92 -15.13
N ASP A 61 17.88 8.62 -16.23
CA ASP A 61 18.89 9.67 -16.18
C ASP A 61 18.52 10.80 -15.21
N ARG A 62 17.23 11.02 -15.00
CA ARG A 62 16.76 12.10 -14.12
C ARG A 62 17.20 11.96 -12.69
N PHE A 63 17.42 10.74 -12.28
CA PHE A 63 17.94 10.51 -10.94
C PHE A 63 19.40 10.97 -10.85
N SER A 64 19.76 11.54 -9.71
CA SER A 64 21.12 11.99 -9.48
C SER A 64 21.36 12.07 -7.98
N GLY A 65 22.59 11.78 -7.57
CA GLY A 65 22.93 11.76 -6.16
C GLY A 65 24.18 12.59 -5.88
N SER A 66 24.26 13.04 -4.64
CA SER A 66 25.36 13.87 -4.18
C SER A 66 25.42 13.82 -2.66
N ARG A 67 26.59 14.15 -2.12
CA ARG A 67 26.77 14.18 -0.68
C ARG A 67 27.88 15.17 -0.34
N SER A 68 27.73 15.84 0.80
CA SER A 68 28.71 16.81 1.28
C SER A 68 28.86 16.66 2.78
N GLY A 69 30.04 16.25 3.22
CA GLY A 69 30.30 16.06 4.64
C GLY A 69 29.42 14.99 5.24
N THR A 70 28.66 15.35 6.27
CA THR A 70 27.80 14.41 6.99
C THR A 70 26.36 14.46 6.51
N SER A 71 26.12 15.02 5.34
CA SER A 71 24.78 15.10 4.78
C SER A 71 24.79 14.62 3.34
N ALA A 72 23.66 14.06 2.91
CA ALA A 72 23.53 13.53 1.55
C ALA A 72 22.15 13.89 1.03
N SER A 73 21.99 13.82 -0.29
CA SER A 73 20.72 14.17 -0.91
C SER A 73 20.57 13.43 -2.23
N LEU A 74 19.38 12.85 -2.43
CA LEU A 74 18.99 12.26 -3.70
C LEU A 74 18.11 13.24 -4.45
N ALA A 75 18.36 13.41 -5.74
CA ALA A 75 17.64 14.38 -6.55
C ALA A 75 16.93 13.71 -7.70
N ILE A 76 15.66 14.07 -7.89
CA ILE A 76 14.82 13.60 -9.00
C ILE A 76 14.36 14.81 -9.78
N GLY A 77 14.34 14.69 -11.10
CA GLY A 77 13.83 15.74 -11.95
C GLY A 77 12.71 15.20 -12.82
N GLY A 78 11.76 16.02 -13.16
CA GLY A 78 10.66 15.55 -13.95
C GLY A 78 9.82 14.56 -13.21
N LEU A 79 9.12 15.04 -12.20
CA LEU A 79 8.30 14.18 -11.39
C LEU A 79 7.26 13.48 -12.16
N GLN A 80 7.08 12.22 -11.81
CA GLN A 80 6.11 11.39 -12.47
C GLN A 80 5.35 10.60 -11.46
N SER A 81 4.23 10.04 -11.85
CA SER A 81 3.40 9.25 -10.97
C SER A 81 4.09 8.01 -10.47
N GLU A 82 4.90 7.42 -11.33
CA GLU A 82 5.66 6.23 -11.11
C GLU A 82 6.62 6.34 -9.97
N ASP A 83 7.22 7.50 -9.77
CA ASP A 83 8.18 7.72 -8.71
C ASP A 83 7.66 7.67 -7.29
N GLU A 84 6.37 7.84 -7.10
CA GLU A 84 5.78 7.82 -5.77
C GLU A 84 5.99 6.53 -5.02
N ALA A 85 6.78 6.58 -3.95
CA ALA A 85 7.15 5.42 -3.16
C ALA A 85 7.82 5.89 -1.87
N ASP A 86 8.34 4.94 -1.10
CA ASP A 86 9.12 5.22 0.09
C ASP A 86 10.60 5.15 -0.27
N TYR A 87 11.36 6.15 0.15
CA TYR A 87 12.77 6.24 -0.18
C TYR A 87 13.61 6.17 1.08
N PHE A 88 14.68 5.37 1.04
CA PHE A 88 15.56 5.16 2.17
C PHE A 88 17.00 5.42 1.76
N CYS A 89 17.76 5.93 2.72
CA CYS A 89 19.19 6.16 2.55
C CYS A 89 19.94 5.26 3.51
N ALA A 90 21.10 4.78 3.08
CA ALA A 90 21.86 3.85 3.89
C ALA A 90 23.34 4.10 3.69
N ALA A 91 24.11 3.79 4.73
CA ALA A 91 25.56 3.93 4.70
C ALA A 91 26.14 3.09 5.82
N TRP A 92 27.41 2.77 5.71
CA TRP A 92 28.07 2.00 6.71
C TRP A 92 28.48 2.89 7.81
N ASP A 93 28.33 2.41 9.02
CA ASP A 93 28.73 3.18 10.20
C ASP A 93 29.85 2.44 10.90
N ASP A 94 30.99 3.08 11.09
CA ASP A 94 32.08 2.40 11.73
C ASP A 94 31.87 2.30 13.21
N ASN A 95 31.37 3.35 13.83
CA ASN A 95 31.07 3.29 15.26
C ASN A 95 30.11 2.15 15.55
N LEU A 96 28.99 2.10 14.84
CA LEU A 96 28.01 1.03 15.04
C LEU A 96 28.51 -0.28 14.45
N ASN A 97 29.49 -0.24 13.56
CA ASN A 97 30.02 -1.43 12.88
C ASN A 97 28.90 -2.21 12.19
N GLY A 98 27.98 -1.48 11.57
CA GLY A 98 26.86 -2.09 10.90
C GLY A 98 26.28 -1.14 9.87
N VAL A 99 25.15 -1.54 9.30
CA VAL A 99 24.47 -0.76 8.27
C VAL A 99 23.35 0.00 8.96
N ILE A 100 23.24 1.30 8.67
CA ILE A 100 22.22 2.14 9.30
C ILE A 100 21.33 2.68 8.19
N PHE A 101 20.02 2.63 8.41
CA PHE A 101 19.03 3.07 7.45
C PHE A 101 18.37 4.36 7.92
N GLY A 102 17.81 5.09 6.98
CA GLY A 102 17.10 6.31 7.31
C GLY A 102 15.69 6.02 7.78
N GLY A 103 15.05 7.06 8.31
CA GLY A 103 13.69 6.91 8.79
C GLY A 103 12.71 6.56 7.70
N GLY A 104 12.95 7.03 6.48
CA GLY A 104 12.05 6.76 5.38
C GLY A 104 11.31 8.00 4.94
N THR A 105 11.27 8.25 3.63
CA THR A 105 10.61 9.43 3.08
C THR A 105 9.54 8.98 2.10
N LYS A 106 8.29 9.26 2.42
CA LYS A 106 7.20 8.99 1.50
C LYS A 106 7.12 10.12 0.49
N LEU A 107 7.24 9.77 -0.79
CA LEU A 107 7.22 10.76 -1.86
C LEU A 107 5.90 10.66 -2.61
N THR A 108 5.26 11.81 -2.82
CA THR A 108 3.99 11.90 -3.50
C THR A 108 4.02 13.11 -4.41
N VAL A 109 3.45 12.99 -5.61
CA VAL A 109 3.40 14.10 -6.54
C VAL A 109 2.09 14.82 -6.33
N LEU A 110 2.18 16.09 -6.09
CA LEU A 110 1.02 16.88 -5.70
C LEU A 110 0.05 16.98 -6.87
N GLY A 111 -1.15 16.42 -6.67
CA GLY A 111 -2.24 16.54 -7.61
C GLY A 111 -3.27 17.55 -7.17
N GLN A 112 -3.06 18.13 -6.00
CA GLN A 112 -3.94 19.13 -5.42
C GLN A 112 -3.14 19.88 -4.37
N PRO A 113 -3.66 20.99 -3.85
CA PRO A 113 -2.88 21.76 -2.86
C PRO A 113 -2.81 21.06 -1.52
N LYS A 114 -1.77 21.42 -0.77
CA LYS A 114 -1.56 20.83 0.56
C LYS A 114 -2.74 21.15 1.47
N ALA A 115 -3.07 20.19 2.33
CA ALA A 115 -4.18 20.34 3.25
C ALA A 115 -3.76 19.91 4.65
N ALA A 116 -4.45 20.47 5.67
CA ALA A 116 -4.20 20.21 7.08
C ALA A 116 -5.15 19.13 7.59
N PRO A 117 -4.74 18.36 8.59
CA PRO A 117 -5.58 17.27 9.08
C PRO A 117 -6.71 17.75 9.99
N SER A 118 -7.81 17.01 9.95
CA SER A 118 -8.96 17.23 10.82
C SER A 118 -8.87 16.21 11.95
N VAL A 119 -8.34 16.64 13.10
CA VAL A 119 -8.15 15.75 14.24
C VAL A 119 -9.40 15.80 15.10
N THR A 120 -10.01 14.63 15.29
CA THR A 120 -11.17 14.48 16.18
C THR A 120 -10.88 13.33 17.13
N LEU A 121 -10.65 13.66 18.39
CA LEU A 121 -10.28 12.66 19.39
C LEU A 121 -11.53 12.16 20.09
N PHE A 122 -11.64 10.82 20.23
CA PHE A 122 -12.87 10.26 20.78
C PHE A 122 -12.64 9.66 22.17
N PRO A 123 -13.54 9.93 23.11
CA PRO A 123 -13.47 9.29 24.42
C PRO A 123 -14.09 7.90 24.38
N PRO A 124 -13.85 7.06 25.39
CA PRO A 124 -14.39 5.69 25.33
C PRO A 124 -15.92 5.67 25.38
N SER A 125 -16.50 4.81 24.55
CA SER A 125 -17.95 4.64 24.47
C SER A 125 -18.46 3.84 25.66
N SER A 126 -19.69 4.15 26.09
CA SER A 126 -20.27 3.51 27.26
C SER A 126 -20.31 1.99 27.12
N GLU A 127 -20.66 1.48 25.94
CA GLU A 127 -20.79 0.03 25.74
C GLU A 127 -19.50 -0.72 26.08
N GLU A 128 -18.37 -0.32 25.48
CA GLU A 128 -17.14 -1.04 25.75
C GLU A 128 -16.74 -0.92 27.22
N LEU A 129 -17.04 0.24 27.84
CA LEU A 129 -16.84 0.36 29.28
C LEU A 129 -17.71 -0.61 30.06
N GLN A 130 -18.92 -0.89 29.56
CA GLN A 130 -19.74 -1.93 30.17
C GLN A 130 -19.10 -3.30 30.02
N ALA A 131 -18.28 -3.49 28.98
CA ALA A 131 -17.59 -4.75 28.83
C ALA A 131 -16.25 -4.78 29.56
N ASN A 132 -16.00 -3.79 30.42
CA ASN A 132 -14.76 -3.68 31.20
C ASN A 132 -13.52 -3.60 30.30
N LYS A 133 -13.70 -3.07 29.09
CA LYS A 133 -12.62 -2.86 28.13
C LYS A 133 -12.77 -1.45 27.57
N ALA A 134 -11.80 -0.58 27.84
CA ALA A 134 -11.84 0.82 27.41
C ALA A 134 -10.77 1.09 26.38
N THR A 135 -11.18 1.57 25.21
CA THR A 135 -10.26 1.85 24.12
C THR A 135 -10.53 3.25 23.59
N LEU A 136 -9.47 3.97 23.20
CA LEU A 136 -9.55 5.33 22.72
C LEU A 136 -9.22 5.38 21.23
N VAL A 137 -9.77 6.38 20.54
CA VAL A 137 -9.63 6.49 19.09
C VAL A 137 -9.40 7.95 18.71
N CYS A 138 -8.30 8.20 17.99
CA CYS A 138 -8.03 9.50 17.39
C CYS A 138 -8.27 9.41 15.89
N LEU A 139 -8.95 10.41 15.33
CA LEU A 139 -9.34 10.39 13.92
C LEU A 139 -8.66 11.52 13.17
N ILE A 140 -7.88 11.17 12.15
CA ILE A 140 -7.18 12.13 11.30
C ILE A 140 -7.78 12.03 9.90
N SER A 141 -8.16 13.17 9.32
CA SER A 141 -8.82 13.14 8.02
C SER A 141 -8.56 14.44 7.27
N ASP A 142 -8.88 14.41 5.99
CA ASP A 142 -8.73 15.59 5.10
C ASP A 142 -7.32 16.18 5.16
N PHE A 143 -6.30 15.35 5.22
CA PHE A 143 -4.93 15.83 5.15
C PHE A 143 -4.27 15.30 3.88
N TYR A 144 -3.43 16.15 3.27
CA TYR A 144 -2.76 15.87 2.02
C TYR A 144 -1.43 16.60 2.08
N PRO A 145 -0.30 15.93 1.80
CA PRO A 145 -0.12 14.53 1.41
C PRO A 145 -0.39 13.53 2.54
N GLY A 146 -0.44 12.25 2.19
CA GLY A 146 -0.72 11.19 3.14
C GLY A 146 0.49 10.72 3.94
N ALA A 147 0.98 11.57 4.83
CA ALA A 147 2.09 11.21 5.71
C ALA A 147 1.91 11.95 7.02
N VAL A 148 1.94 11.21 8.14
CA VAL A 148 1.69 11.77 9.45
C VAL A 148 2.50 11.01 10.49
N THR A 149 2.69 11.65 11.64
CA THR A 149 3.30 11.04 12.81
C THR A 149 2.37 11.29 13.99
N VAL A 150 2.03 10.23 14.70
CA VAL A 150 1.05 10.32 15.78
C VAL A 150 1.77 10.10 17.10
N ALA A 151 1.27 10.75 18.14
CA ALA A 151 1.83 10.64 19.48
C ALA A 151 0.69 10.68 20.48
N TRP A 152 0.81 9.86 21.52
CA TRP A 152 -0.20 9.75 22.57
C TRP A 152 0.46 10.07 23.90
N LYS A 153 -0.11 11.03 24.62
CA LYS A 153 0.42 11.44 25.91
C LYS A 153 -0.69 11.31 26.95
N ALA A 154 -0.33 10.74 28.10
CA ALA A 154 -1.23 10.62 29.23
C ALA A 154 -0.84 11.68 30.25
N ASP A 155 -1.77 12.57 30.57
CA ASP A 155 -1.47 13.79 31.31
C ASP A 155 -0.42 14.55 30.49
N SER A 156 0.77 14.81 31.01
CA SER A 156 1.84 15.39 30.21
C SER A 156 2.96 14.40 29.91
N SER A 157 2.74 13.11 30.18
CA SER A 157 3.72 12.06 29.93
C SER A 157 3.37 11.30 28.66
N PRO A 158 4.31 11.15 27.73
CA PRO A 158 3.99 10.40 26.50
C PRO A 158 3.77 8.93 26.80
N VAL A 159 2.86 8.33 26.05
CA VAL A 159 2.51 6.92 26.23
C VAL A 159 3.36 6.09 25.27
N LYS A 160 4.06 5.10 25.81
CA LYS A 160 5.02 4.36 25.01
C LYS A 160 4.46 3.07 24.41
N ALA A 161 3.46 2.48 25.03
CA ALA A 161 2.91 1.20 24.58
C ALA A 161 1.40 1.32 24.38
N GLY A 162 0.85 0.38 23.62
CA GLY A 162 -0.58 0.36 23.36
C GLY A 162 -1.06 1.22 22.22
N VAL A 163 -0.16 1.86 21.48
CA VAL A 163 -0.53 2.78 20.41
C VAL A 163 -0.50 2.03 19.09
N GLU A 164 -1.60 2.09 18.35
CA GLU A 164 -1.66 1.56 16.99
C GLU A 164 -2.10 2.66 16.05
N THR A 165 -1.49 2.70 14.87
CA THR A 165 -1.80 3.71 13.87
C THR A 165 -1.93 3.02 12.53
N THR A 166 -2.98 3.37 11.79
CA THR A 166 -3.18 2.83 10.46
C THR A 166 -2.45 3.70 9.45
N THR A 167 -1.83 3.06 8.47
CA THR A 167 -1.16 3.81 7.42
C THR A 167 -2.20 4.62 6.66
N PRO A 168 -1.87 5.85 6.24
CA PRO A 168 -2.86 6.70 5.61
C PRO A 168 -3.54 6.02 4.42
N SER A 169 -4.84 6.24 4.31
CA SER A 169 -5.64 5.71 3.21
C SER A 169 -6.34 6.86 2.51
N LYS A 170 -6.61 6.68 1.23
CA LYS A 170 -7.24 7.72 0.42
C LYS A 170 -8.74 7.77 0.67
N GLN A 171 -9.26 8.97 0.61
CA GLN A 171 -10.70 9.19 0.80
C GLN A 171 -11.31 9.49 -0.56
N SER A 172 -12.62 9.49 -0.67
CA SER A 172 -13.32 9.70 -1.93
C SER A 172 -12.95 11.02 -2.61
N ASN A 173 -12.29 11.94 -1.90
CA ASN A 173 -11.86 13.21 -2.47
C ASN A 173 -10.34 13.31 -2.60
N ASN A 174 -9.67 12.16 -2.70
CA ASN A 174 -8.21 12.09 -2.86
C ASN A 174 -7.46 12.89 -1.78
N LYS A 175 -8.05 12.99 -0.60
CA LYS A 175 -7.35 13.48 0.58
C LYS A 175 -7.16 12.29 1.51
N TYR A 176 -5.99 12.19 2.13
CA TYR A 176 -5.72 10.98 2.88
C TYR A 176 -6.34 11.04 4.26
N ALA A 177 -6.57 9.86 4.85
CA ALA A 177 -7.17 9.74 6.16
C ALA A 177 -6.62 8.51 6.86
N ALA A 178 -6.58 8.58 8.19
CA ALA A 178 -6.08 7.48 9.01
C ALA A 178 -6.48 7.62 10.45
N SER A 179 -6.59 6.54 11.18
CA SER A 179 -6.94 6.66 12.57
C SER A 179 -5.97 5.97 13.43
N SER A 180 -5.67 6.55 14.56
CA SER A 180 -4.73 5.98 15.48
C SER A 180 -5.46 5.69 16.73
N TYR A 181 -5.19 4.57 17.35
CA TYR A 181 -5.91 4.24 18.54
C TYR A 181 -5.07 3.76 19.68
N LEU A 182 -5.57 3.91 20.88
CA LEU A 182 -4.90 3.49 22.08
C LEU A 182 -5.81 2.58 22.85
N SER A 183 -5.29 1.47 23.31
CA SER A 183 -6.13 0.54 24.02
C SER A 183 -5.69 0.53 25.42
N LEU A 184 -6.64 0.62 26.35
CA LEU A 184 -6.32 0.66 27.76
C LEU A 184 -7.13 -0.24 28.60
N THR A 185 -6.86 -0.16 29.88
CA THR A 185 -7.79 -0.78 30.79
C THR A 185 -8.72 0.31 31.33
N PRO A 186 -9.97 -0.02 31.71
CA PRO A 186 -10.86 1.03 32.24
C PRO A 186 -10.27 1.75 33.45
N GLU A 187 -9.55 1.02 34.31
CA GLU A 187 -8.91 1.64 35.46
C GLU A 187 -7.85 2.64 35.03
N GLN A 188 -7.07 2.33 33.98
CA GLN A 188 -6.08 3.29 33.49
C GLN A 188 -6.77 4.56 33.01
N TRP A 189 -7.88 4.41 32.29
CA TRP A 189 -8.60 5.55 31.76
C TRP A 189 -9.17 6.41 32.88
N LYS A 190 -9.71 5.77 33.92
CA LYS A 190 -10.27 6.52 35.04
C LYS A 190 -9.16 7.24 35.82
N SER A 191 -8.03 6.58 36.03
CA SER A 191 -6.96 7.13 36.87
C SER A 191 -6.47 8.48 36.34
N HIS A 192 -5.88 8.48 35.14
CA HIS A 192 -5.25 9.68 34.61
C HIS A 192 -6.23 10.83 34.44
N LYS A 193 -5.70 12.06 34.58
CA LYS A 193 -6.52 13.26 34.44
C LYS A 193 -7.01 13.44 33.01
N SER A 194 -6.12 13.30 32.04
CA SER A 194 -6.47 13.52 30.64
C SER A 194 -5.46 12.82 29.75
N TYR A 195 -5.86 12.64 28.48
CA TYR A 195 -5.03 12.03 27.45
C TYR A 195 -5.05 12.91 26.21
N SER A 196 -3.94 12.91 25.48
CA SER A 196 -3.76 13.76 24.32
C SER A 196 -3.41 12.92 23.10
N CYS A 197 -3.94 13.32 21.95
CA CYS A 197 -3.54 12.77 20.66
C CYS A 197 -2.82 13.86 19.89
N GLN A 198 -1.62 13.54 19.42
CA GLN A 198 -0.78 14.52 18.74
C GLN A 198 -0.55 14.05 17.30
N VAL A 199 -0.84 14.92 16.35
CA VAL A 199 -0.71 14.63 14.93
C VAL A 199 0.29 15.61 14.33
N THR A 200 1.21 15.09 13.52
CA THR A 200 2.29 15.88 12.93
C THR A 200 2.20 15.80 11.42
N HIS A 201 2.01 16.95 10.76
CA HIS A 201 1.91 17.02 9.31
C HIS A 201 2.90 18.05 8.78
N GLU A 202 3.98 17.57 8.16
CA GLU A 202 4.97 18.42 7.49
C GLU A 202 5.50 19.51 8.41
N GLY A 203 5.82 19.13 9.65
CA GLY A 203 6.35 20.08 10.60
C GLY A 203 5.30 20.91 11.31
N SER A 204 4.06 20.88 10.85
CA SER A 204 2.95 21.55 11.52
C SER A 204 2.15 20.48 12.23
N THR A 205 1.97 20.63 13.53
CA THR A 205 1.38 19.59 14.36
C THR A 205 0.07 20.08 14.96
N VAL A 206 -0.90 19.18 15.05
CA VAL A 206 -2.18 19.48 15.66
C VAL A 206 -2.35 18.52 16.82
N GLU A 207 -2.99 19.02 17.88
CA GLU A 207 -3.18 18.22 19.08
C GLU A 207 -4.58 18.46 19.63
N LYS A 208 -5.20 17.39 20.11
CA LYS A 208 -6.50 17.47 20.74
C LYS A 208 -6.45 16.65 22.03
N THR A 209 -7.21 17.10 23.02
CA THR A 209 -7.16 16.52 24.36
C THR A 209 -8.57 16.37 24.90
N VAL A 210 -8.80 15.27 25.64
CA VAL A 210 -10.09 14.99 26.25
C VAL A 210 -9.84 14.37 27.63
N ALA A 211 -10.85 14.52 28.49
CA ALA A 211 -10.82 14.04 29.85
C ALA A 211 -12.17 13.39 30.15
N PRO A 212 -12.24 12.48 31.14
CA PRO A 212 -13.50 11.79 31.41
C PRO A 212 -14.64 12.73 31.82
N GLN B 1 18.23 -16.02 -14.12
CA GLN B 1 18.24 -14.73 -13.45
C GLN B 1 18.34 -14.89 -11.94
N VAL B 2 18.78 -13.83 -11.25
CA VAL B 2 18.97 -13.89 -9.82
C VAL B 2 17.62 -14.06 -9.12
N GLN B 3 17.59 -14.95 -8.13
CA GLN B 3 16.39 -15.23 -7.37
C GLN B 3 16.78 -15.40 -5.91
N LEU B 4 15.91 -14.89 -5.02
CA LEU B 4 16.17 -14.96 -3.58
C LEU B 4 14.84 -15.25 -2.91
N VAL B 5 14.75 -16.40 -2.25
CA VAL B 5 13.52 -16.87 -1.63
C VAL B 5 13.78 -17.13 -0.15
N GLU B 6 12.97 -16.49 0.69
CA GLU B 6 13.05 -16.65 2.13
C GLU B 6 11.94 -17.58 2.59
N SER B 7 12.16 -18.21 3.74
CA SER B 7 11.19 -19.13 4.30
C SER B 7 11.42 -19.21 5.80
N GLY B 8 10.51 -19.90 6.49
CA GLY B 8 10.60 -20.08 7.91
C GLY B 8 9.91 -19.04 8.76
N GLY B 9 9.46 -17.93 8.16
CA GLY B 9 8.78 -16.90 8.94
C GLY B 9 7.41 -17.37 9.37
N ALA B 10 7.08 -17.16 10.64
CA ALA B 10 5.81 -17.62 11.17
C ALA B 10 5.46 -16.85 12.45
N LEU B 11 4.50 -17.37 13.21
CA LEU B 11 4.02 -16.79 14.46
C LEU B 11 4.49 -17.63 15.65
N VAL B 12 5.12 -16.96 16.62
CA VAL B 12 5.60 -17.59 17.84
C VAL B 12 5.42 -16.63 19.01
N GLU B 13 5.39 -17.20 20.22
CA GLU B 13 5.31 -16.43 21.45
C GLU B 13 6.68 -15.90 21.83
N PRO B 14 6.75 -14.79 22.58
CA PRO B 14 8.06 -14.20 22.91
C PRO B 14 8.95 -15.20 23.63
N GLY B 15 10.26 -15.04 23.41
CA GLY B 15 11.25 -15.97 23.92
C GLY B 15 11.41 -17.22 23.11
N GLY B 16 10.54 -17.49 22.13
CA GLY B 16 10.70 -18.65 21.30
C GLY B 16 11.79 -18.48 20.27
N SER B 17 12.22 -19.60 19.72
N SER B 17 12.21 -19.60 19.70
CA SER B 17 13.27 -19.61 18.71
CA SER B 17 13.27 -19.62 18.71
C SER B 17 12.67 -19.82 17.32
C SER B 17 12.69 -19.85 17.32
N LEU B 18 13.38 -19.33 16.31
CA LEU B 18 12.95 -19.48 14.93
C LEU B 18 14.17 -19.55 14.02
N ARG B 19 14.03 -20.26 12.91
CA ARG B 19 15.09 -20.42 11.93
C ARG B 19 14.57 -19.94 10.59
N LEU B 20 15.24 -18.93 10.04
CA LEU B 20 14.92 -18.42 8.72
C LEU B 20 15.84 -19.07 7.70
N SER B 21 15.30 -19.35 6.52
CA SER B 21 16.04 -20.01 5.47
C SER B 21 15.90 -19.19 4.19
N CYS B 22 17.03 -18.88 3.57
CA CYS B 22 17.07 -18.13 2.32
C CYS B 22 17.88 -18.92 1.29
N VAL B 23 17.29 -19.11 0.13
CA VAL B 23 17.90 -19.86 -0.96
C VAL B 23 18.16 -18.91 -2.11
N ALA B 24 19.36 -18.99 -2.68
CA ALA B 24 19.77 -18.12 -3.77
C ALA B 24 19.85 -18.91 -5.06
N SER B 25 19.82 -18.17 -6.18
CA SER B 25 19.88 -18.80 -7.49
C SER B 25 20.33 -17.76 -8.50
N GLY B 26 21.05 -18.22 -9.52
CA GLY B 26 21.42 -17.38 -10.63
C GLY B 26 22.73 -16.63 -10.50
N PHE B 27 23.45 -16.79 -9.39
CA PHE B 27 24.70 -16.08 -9.20
C PHE B 27 25.57 -16.88 -8.25
N PRO B 28 26.90 -16.66 -8.26
CA PRO B 28 27.78 -17.36 -7.31
C PRO B 28 27.49 -16.97 -5.87
N PHE B 29 26.86 -17.86 -5.13
CA PHE B 29 26.49 -17.57 -3.74
C PHE B 29 27.71 -17.25 -2.89
N ASN B 30 28.73 -18.12 -2.95
CA ASN B 30 29.93 -17.97 -2.13
C ASN B 30 30.75 -16.74 -2.49
N GLU B 31 30.40 -16.06 -3.58
CA GLU B 31 31.21 -14.92 -4.03
C GLU B 31 30.82 -13.62 -3.33
N TYR B 32 29.53 -13.40 -3.10
CA TYR B 32 29.06 -12.15 -2.50
C TYR B 32 28.76 -12.31 -1.02
N ASP B 33 28.65 -11.16 -0.35
CA ASP B 33 28.24 -11.10 1.04
C ASP B 33 26.72 -11.00 1.10
N MET B 34 26.15 -11.57 2.15
CA MET B 34 24.71 -11.61 2.30
C MET B 34 24.32 -10.82 3.55
N SER B 35 23.00 -10.66 3.72
CA SER B 35 22.49 -9.83 4.81
C SER B 35 21.03 -10.17 5.08
N TRP B 36 20.54 -9.62 6.20
CA TRP B 36 19.14 -9.70 6.56
C TRP B 36 18.66 -8.28 6.86
N VAL B 37 17.58 -7.86 6.20
CA VAL B 37 16.97 -6.56 6.44
C VAL B 37 15.53 -6.79 6.86
N ARG B 38 15.08 -6.08 7.90
CA ARG B 38 13.75 -6.27 8.45
C ARG B 38 13.00 -4.95 8.46
N GLN B 39 11.66 -5.05 8.38
CA GLN B 39 10.78 -3.89 8.34
C GLN B 39 9.64 -4.12 9.32
N ALA B 40 9.57 -3.32 10.37
CA ALA B 40 8.48 -3.43 11.32
C ALA B 40 7.19 -2.93 10.67
N PRO B 41 6.04 -3.43 11.12
CA PRO B 41 4.77 -3.00 10.52
C PRO B 41 4.55 -1.50 10.68
N GLY B 42 4.34 -0.83 9.56
CA GLY B 42 4.16 0.61 9.59
C GLY B 42 5.39 1.37 10.02
N LYS B 43 6.58 0.80 9.84
CA LYS B 43 7.83 1.44 10.21
C LYS B 43 8.85 1.24 9.09
N GLY B 44 9.95 1.99 9.17
CA GLY B 44 10.97 1.96 8.15
C GLY B 44 11.80 0.69 8.18
N LEU B 45 12.73 0.60 7.23
CA LEU B 45 13.63 -0.53 7.14
C LEU B 45 14.58 -0.55 8.34
N GLU B 46 14.83 -1.74 8.88
CA GLU B 46 15.81 -1.91 9.93
C GLU B 46 16.78 -3.01 9.56
N TRP B 47 18.02 -2.84 9.97
CA TRP B 47 19.14 -3.67 9.57
C TRP B 47 19.37 -4.77 10.60
N VAL B 48 19.61 -5.99 10.13
CA VAL B 48 19.74 -7.11 11.05
C VAL B 48 21.18 -7.63 11.11
N SER B 49 21.62 -8.33 10.07
CA SER B 49 22.96 -8.90 10.15
C SER B 49 23.49 -9.17 8.75
N THR B 50 24.83 -9.29 8.67
CA THR B 50 25.58 -9.64 7.47
C THR B 50 26.58 -10.74 7.77
N ILE B 51 26.88 -11.54 6.74
CA ILE B 51 27.93 -12.54 6.82
C ILE B 51 28.74 -12.48 5.53
N LYS B 52 30.07 -12.47 5.66
CA LYS B 52 30.95 -12.23 4.54
C LYS B 52 30.97 -13.43 3.59
N SER B 53 31.56 -13.21 2.41
CA SER B 53 31.64 -14.24 1.38
C SER B 53 32.13 -15.57 1.96
N ASP B 54 33.20 -15.52 2.76
CA ASP B 54 33.73 -16.74 3.35
C ASP B 54 32.86 -17.25 4.49
N GLY B 55 32.10 -16.36 5.12
CA GLY B 55 31.46 -16.69 6.37
C GLY B 55 32.38 -16.41 7.54
N ALA B 56 33.44 -15.65 7.32
CA ALA B 56 34.47 -15.46 8.33
C ALA B 56 34.09 -14.39 9.35
N TYR B 57 33.42 -13.32 8.91
CA TYR B 57 33.08 -12.22 9.82
C TYR B 57 31.59 -11.95 9.72
N THR B 58 30.95 -11.87 10.89
CA THR B 58 29.52 -11.61 10.99
C THR B 58 29.31 -10.36 11.82
N TYR B 59 28.44 -9.47 11.33
CA TYR B 59 28.06 -8.26 12.04
C TYR B 59 26.59 -8.33 12.36
N TYR B 60 26.23 -7.90 13.57
CA TYR B 60 24.85 -7.93 14.03
C TYR B 60 24.42 -6.53 14.42
N GLY B 61 23.13 -6.27 14.33
CA GLY B 61 22.60 -5.00 14.77
C GLY B 61 22.61 -4.90 16.29
N ASP B 62 22.71 -3.66 16.78
CA ASP B 62 22.78 -3.44 18.22
C ASP B 62 21.53 -3.94 18.93
N ASN B 63 20.38 -3.93 18.25
CA ASN B 63 19.15 -4.37 18.87
C ASN B 63 19.09 -5.89 19.01
N VAL B 64 19.86 -6.62 18.21
CA VAL B 64 19.83 -8.08 18.20
C VAL B 64 21.21 -8.68 18.48
N LYS B 65 22.13 -7.88 19.00
CA LYS B 65 23.48 -8.36 19.29
C LYS B 65 23.43 -9.46 20.34
N GLY B 66 23.97 -10.62 19.99
CA GLY B 66 24.00 -11.75 20.89
C GLY B 66 22.72 -12.56 20.95
N ARG B 67 21.68 -12.13 20.25
CA ARG B 67 20.42 -12.89 20.22
C ARG B 67 20.28 -13.74 18.97
N PHE B 68 20.68 -13.23 17.82
CA PHE B 68 20.55 -13.96 16.57
C PHE B 68 21.90 -14.50 16.15
N THR B 69 21.87 -15.65 15.47
CA THR B 69 23.07 -16.27 14.91
C THR B 69 22.87 -16.38 13.41
N ILE B 70 23.73 -15.71 12.65
CA ILE B 70 23.66 -15.74 11.20
C ILE B 70 24.69 -16.73 10.69
N SER B 71 24.34 -17.45 9.62
CA SER B 71 25.20 -18.48 9.09
C SER B 71 24.85 -18.68 7.62
N ARG B 72 25.75 -19.34 6.91
CA ARG B 72 25.54 -19.61 5.49
C ARG B 72 26.13 -20.96 5.12
N ASP B 73 25.57 -21.56 4.07
CA ASP B 73 25.98 -22.85 3.53
C ASP B 73 26.28 -22.68 2.05
N ASN B 74 27.48 -22.17 1.74
CA ASN B 74 27.84 -21.91 0.34
C ASN B 74 27.74 -23.18 -0.51
N ALA B 75 27.95 -24.35 0.08
CA ALA B 75 27.82 -25.59 -0.67
C ALA B 75 26.40 -25.80 -1.18
N LYS B 76 25.39 -25.38 -0.40
CA LYS B 76 24.00 -25.56 -0.78
C LYS B 76 23.31 -24.27 -1.19
N ASN B 77 24.07 -23.18 -1.37
CA ASN B 77 23.52 -21.89 -1.79
C ASN B 77 22.35 -21.45 -0.92
N THR B 78 22.48 -21.66 0.39
CA THR B 78 21.39 -21.41 1.32
C THR B 78 21.87 -20.51 2.45
N LEU B 79 20.99 -19.63 2.90
CA LEU B 79 21.27 -18.67 3.94
C LEU B 79 20.36 -18.94 5.13
N TYR B 80 20.93 -18.91 6.33
CA TYR B 80 20.16 -19.12 7.54
C TYR B 80 20.32 -17.94 8.48
N LEU B 81 19.27 -17.66 9.24
CA LEU B 81 19.34 -16.71 10.34
C LEU B 81 18.61 -17.36 11.51
N GLN B 82 19.36 -17.73 12.54
CA GLN B 82 18.79 -18.37 13.72
C GLN B 82 18.44 -17.28 14.73
N MET B 83 17.18 -17.26 15.14
CA MET B 83 16.65 -16.22 16.01
C MET B 83 16.28 -16.85 17.34
N ASN B 84 16.94 -16.41 18.41
CA ASN B 84 16.75 -16.98 19.73
C ASN B 84 16.25 -15.90 20.69
N SER B 85 15.47 -16.34 21.68
CA SER B 85 14.92 -15.44 22.69
C SER B 85 14.22 -14.24 22.05
N LEU B 86 13.29 -14.54 21.16
CA LEU B 86 12.59 -13.49 20.42
C LEU B 86 11.79 -12.58 21.36
N LYS B 87 11.81 -11.29 21.06
CA LYS B 87 10.98 -10.30 21.73
C LYS B 87 9.86 -9.87 20.81
N SER B 88 8.91 -9.11 21.36
CA SER B 88 7.81 -8.61 20.55
C SER B 88 8.25 -7.49 19.62
N GLU B 89 9.37 -6.82 19.92
CA GLU B 89 9.89 -5.78 19.04
C GLU B 89 10.44 -6.34 17.73
N ASP B 90 10.70 -7.64 17.66
CA ASP B 90 11.20 -8.25 16.44
C ASP B 90 10.10 -8.48 15.41
N THR B 91 8.84 -8.26 15.77
CA THR B 91 7.73 -8.47 14.85
C THR B 91 7.91 -7.64 13.59
N GLY B 92 7.76 -8.30 12.44
CA GLY B 92 7.88 -7.62 11.17
C GLY B 92 8.17 -8.62 10.06
N VAL B 93 8.56 -8.07 8.92
CA VAL B 93 8.92 -8.86 7.75
C VAL B 93 10.44 -8.88 7.65
N TYR B 94 10.99 -9.96 7.11
CA TYR B 94 12.43 -10.16 7.01
C TYR B 94 12.82 -10.42 5.56
N TYR B 95 13.88 -9.74 5.10
CA TYR B 95 14.33 -9.85 3.72
C TYR B 95 15.73 -10.44 3.65
N CYS B 96 15.99 -11.05 2.50
CA CYS B 96 17.30 -11.58 2.14
C CYS B 96 17.91 -10.63 1.12
N ALA B 97 19.16 -10.23 1.34
CA ALA B 97 19.76 -9.23 0.47
C ALA B 97 21.16 -9.63 0.05
N LYS B 98 21.40 -9.54 -1.26
CA LYS B 98 22.71 -9.72 -1.87
C LYS B 98 23.50 -8.43 -1.79
N GLU B 99 24.80 -8.51 -2.06
CA GLU B 99 25.64 -7.32 -2.02
C GLU B 99 26.64 -7.44 -3.15
N ALA B 100 26.82 -6.36 -3.94
CA ALA B 100 27.64 -6.42 -5.14
C ALA B 100 29.08 -5.98 -4.93
N ARG B 101 29.32 -5.12 -3.96
CA ARG B 101 30.66 -4.58 -3.77
C ARG B 101 31.46 -5.52 -2.88
N ILE B 102 32.52 -5.00 -2.25
CA ILE B 102 33.37 -5.83 -1.42
C ILE B 102 32.59 -6.41 -0.25
N GLY B 103 31.57 -5.70 0.21
CA GLY B 103 30.77 -6.13 1.34
C GLY B 103 30.79 -5.19 2.54
N VAL B 104 31.58 -4.12 2.52
CA VAL B 104 31.61 -3.22 3.66
C VAL B 104 30.55 -2.13 3.54
N SER B 105 30.07 -1.95 2.32
CA SER B 105 29.06 -0.98 1.98
C SER B 105 27.67 -1.50 2.05
N GLY B 106 26.74 -0.59 2.23
CA GLY B 106 25.35 -0.93 2.27
C GLY B 106 24.70 -0.84 0.92
N THR B 107 25.16 -1.61 -0.06
CA THR B 107 24.55 -1.59 -1.36
C THR B 107 24.14 -2.99 -1.65
N TYR B 108 22.85 -3.18 -1.91
CA TYR B 108 22.23 -4.47 -2.15
C TYR B 108 21.54 -4.48 -3.50
N ASP B 109 22.00 -5.35 -4.40
CA ASP B 109 21.42 -5.43 -5.74
C ASP B 109 20.02 -6.03 -5.68
N TYR B 110 19.92 -7.27 -5.21
CA TYR B 110 18.70 -8.04 -5.27
C TYR B 110 18.23 -8.36 -3.87
N TRP B 111 16.93 -8.22 -3.66
CA TRP B 111 16.29 -8.45 -2.39
C TRP B 111 15.36 -9.64 -2.53
N GLY B 112 15.15 -10.35 -1.43
CA GLY B 112 14.26 -11.48 -1.49
C GLY B 112 12.83 -11.04 -1.39
N GLN B 113 11.93 -12.00 -1.61
CA GLN B 113 10.51 -11.70 -1.47
C GLN B 113 10.18 -11.36 -0.03
N GLY B 114 10.78 -12.08 0.91
CA GLY B 114 10.56 -11.81 2.31
C GLY B 114 9.58 -12.76 2.95
N THR B 115 9.67 -12.86 4.28
CA THR B 115 8.74 -13.62 5.09
C THR B 115 8.38 -12.77 6.30
N GLN B 116 7.12 -12.86 6.72
CA GLN B 116 6.63 -12.02 7.80
C GLN B 116 6.69 -12.82 9.10
N VAL B 117 7.31 -12.24 10.12
CA VAL B 117 7.50 -12.86 11.42
C VAL B 117 6.74 -12.03 12.44
N THR B 118 5.85 -12.68 13.18
CA THR B 118 4.96 -12.01 14.12
C THR B 118 5.15 -12.63 15.51
N VAL B 119 5.32 -11.77 16.52
CA VAL B 119 5.57 -12.23 17.88
C VAL B 119 4.65 -11.47 18.83
N SER B 120 3.80 -12.21 19.54
CA SER B 120 2.89 -11.62 20.53
C SER B 120 2.53 -12.66 21.58
N VAL C 3 -20.74 -5.49 -12.77
CA VAL C 3 -19.38 -5.98 -12.59
C VAL C 3 -19.39 -7.49 -12.34
N LEU C 4 -18.22 -8.10 -12.33
CA LEU C 4 -18.12 -9.54 -12.18
C LEU C 4 -17.99 -9.91 -10.70
N THR C 5 -18.66 -10.99 -10.31
CA THR C 5 -18.70 -11.41 -8.92
C THR C 5 -17.47 -12.27 -8.64
N GLN C 6 -16.56 -11.77 -7.82
CA GLN C 6 -15.40 -12.52 -7.37
C GLN C 6 -15.23 -12.32 -5.88
N PRO C 7 -14.69 -13.31 -5.17
CA PRO C 7 -14.57 -13.21 -3.71
C PRO C 7 -13.65 -12.08 -3.30
N PRO C 8 -14.04 -11.31 -2.28
CA PRO C 8 -13.19 -10.20 -1.83
C PRO C 8 -11.84 -10.65 -1.29
N SER C 9 -11.81 -11.74 -0.52
CA SER C 9 -10.57 -12.24 0.07
C SER C 9 -10.44 -13.75 -0.17
N THR C 10 -9.25 -14.17 -0.58
CA THR C 10 -8.87 -15.57 -0.65
C THR C 10 -7.44 -15.66 -0.18
N SER C 11 -7.10 -16.76 0.50
CA SER C 11 -5.80 -16.88 1.13
C SER C 11 -5.43 -18.34 1.28
N GLY C 12 -4.14 -18.60 1.46
CA GLY C 12 -3.63 -19.95 1.58
C GLY C 12 -2.26 -19.95 2.24
N THR C 13 -1.79 -21.14 2.55
CA THR C 13 -0.53 -21.29 3.26
C THR C 13 0.64 -21.31 2.30
N PRO C 14 1.84 -20.88 2.75
CA PRO C 14 3.03 -20.90 1.88
C PRO C 14 3.25 -22.21 1.12
N GLY C 15 3.35 -22.12 -0.21
CA GLY C 15 3.58 -23.29 -1.02
C GLY C 15 2.33 -24.02 -1.45
N GLN C 16 1.16 -23.59 -1.01
CA GLN C 16 -0.10 -24.22 -1.38
C GLN C 16 -0.62 -23.65 -2.69
N ARG C 17 -1.66 -24.28 -3.22
CA ARG C 17 -2.30 -23.82 -4.44
C ARG C 17 -3.70 -23.33 -4.09
N VAL C 18 -4.00 -22.10 -4.49
CA VAL C 18 -5.28 -21.48 -4.22
C VAL C 18 -5.88 -21.03 -5.56
N THR C 19 -7.20 -20.85 -5.56
CA THR C 19 -7.92 -20.43 -6.75
C THR C 19 -8.76 -19.21 -6.45
N ILE C 20 -8.93 -18.38 -7.47
CA ILE C 20 -9.81 -17.22 -7.42
C ILE C 20 -10.91 -17.46 -8.44
N SER C 21 -12.16 -17.39 -8.00
CA SER C 21 -13.29 -17.70 -8.87
C SER C 21 -13.88 -16.41 -9.39
N CYS C 22 -14.08 -16.35 -10.70
CA CYS C 22 -14.68 -15.19 -11.35
C CYS C 22 -15.87 -15.68 -12.16
N SER C 23 -17.06 -15.24 -11.78
CA SER C 23 -18.28 -15.69 -12.42
C SER C 23 -19.06 -14.49 -12.92
N GLY C 24 -19.68 -14.65 -14.07
CA GLY C 24 -20.42 -13.58 -14.71
C GLY C 24 -21.62 -14.10 -15.46
N SER C 25 -22.25 -13.26 -16.28
CA SER C 25 -23.44 -13.65 -16.99
C SER C 25 -23.08 -14.34 -18.31
N SER C 26 -24.10 -14.81 -19.03
CA SER C 26 -23.86 -15.49 -20.30
C SER C 26 -23.41 -14.52 -21.38
N SER C 27 -23.79 -13.26 -21.27
CA SER C 27 -23.38 -12.21 -22.19
C SER C 27 -21.94 -11.80 -21.98
N ASN C 28 -21.25 -12.44 -21.05
CA ASN C 28 -19.93 -12.04 -20.57
C ASN C 28 -18.86 -13.08 -20.90
N ILE C 29 -18.67 -14.05 -20.00
CA ILE C 29 -17.58 -15.02 -20.13
C ILE C 29 -17.86 -16.01 -21.26
N GLU C 30 -19.11 -16.43 -21.41
CA GLU C 30 -19.43 -17.49 -22.36
C GLU C 30 -19.04 -17.12 -23.79
N THR C 31 -19.32 -15.88 -24.20
CA THR C 31 -19.08 -15.49 -25.59
C THR C 31 -17.59 -15.41 -25.92
N ASN C 32 -16.85 -14.60 -25.16
CA ASN C 32 -15.45 -14.30 -25.45
C ASN C 32 -14.58 -14.60 -24.22
N THR C 33 -13.27 -14.43 -24.38
CA THR C 33 -12.30 -14.90 -23.38
C THR C 33 -12.16 -13.93 -22.21
N VAL C 34 -11.73 -14.49 -21.06
CA VAL C 34 -11.54 -13.76 -19.82
C VAL C 34 -10.05 -13.59 -19.55
N ASN C 35 -9.68 -12.40 -19.10
CA ASN C 35 -8.31 -12.05 -18.78
C ASN C 35 -8.18 -11.74 -17.29
N TRP C 36 -6.96 -11.86 -16.78
CA TRP C 36 -6.68 -11.70 -15.36
C TRP C 36 -5.58 -10.67 -15.15
N TYR C 37 -5.79 -9.81 -14.15
CA TYR C 37 -4.82 -8.77 -13.83
C TYR C 37 -4.42 -8.86 -12.37
N GLN C 38 -3.17 -8.52 -12.10
CA GLN C 38 -2.60 -8.50 -10.76
C GLN C 38 -2.12 -7.09 -10.49
N GLN C 39 -2.53 -6.54 -9.35
CA GLN C 39 -2.21 -5.16 -9.01
C GLN C 39 -1.57 -5.12 -7.62
N LEU C 40 -0.38 -4.55 -7.55
CA LEU C 40 0.12 -4.28 -6.21
C LEU C 40 -0.41 -2.93 -5.75
N PRO C 41 -0.77 -2.78 -4.49
CA PRO C 41 -1.56 -1.61 -4.07
C PRO C 41 -0.84 -0.29 -4.37
N GLY C 42 -1.57 0.63 -5.00
CA GLY C 42 -1.06 1.93 -5.34
C GLY C 42 -0.20 1.97 -6.59
N THR C 43 -0.21 0.91 -7.39
CA THR C 43 0.60 0.83 -8.60
C THR C 43 -0.27 0.38 -9.77
N ALA C 44 0.30 0.47 -10.97
CA ALA C 44 -0.41 0.03 -12.16
C ALA C 44 -0.59 -1.49 -12.14
N PRO C 45 -1.70 -1.99 -12.68
CA PRO C 45 -1.89 -3.44 -12.75
C PRO C 45 -0.98 -4.08 -13.79
N LYS C 46 -0.92 -5.40 -13.73
CA LYS C 46 -0.15 -6.20 -14.68
C LYS C 46 -1.03 -7.33 -15.19
N LEU C 47 -0.96 -7.59 -16.49
CA LEU C 47 -1.71 -8.70 -17.07
C LEU C 47 -0.96 -9.99 -16.77
N VAL C 48 -1.64 -10.90 -16.07
CA VAL C 48 -1.03 -12.17 -15.66
C VAL C 48 -1.68 -13.37 -16.34
N MET C 49 -2.89 -13.23 -16.85
CA MET C 49 -3.54 -14.30 -17.59
C MET C 49 -4.46 -13.66 -18.62
N HIS C 50 -4.26 -13.99 -19.89
CA HIS C 50 -5.04 -13.42 -20.98
C HIS C 50 -5.57 -14.55 -21.83
N THR C 51 -6.71 -14.32 -22.47
CA THR C 51 -7.36 -15.34 -23.31
C THR C 51 -7.49 -16.65 -22.53
N ASN C 52 -8.13 -16.55 -21.36
CA ASN C 52 -8.46 -17.68 -20.50
C ASN C 52 -7.26 -18.35 -19.84
N ASN C 53 -6.43 -19.02 -20.64
CA ASN C 53 -5.33 -19.82 -20.10
C ASN C 53 -3.96 -19.38 -20.58
N GLN C 54 -3.85 -18.25 -21.26
CA GLN C 54 -2.57 -17.84 -21.84
C GLN C 54 -1.83 -16.92 -20.88
N ARG C 55 -0.52 -17.14 -20.76
CA ARG C 55 0.31 -16.42 -19.81
C ARG C 55 1.27 -15.50 -20.53
N PRO C 56 1.30 -14.21 -20.20
CA PRO C 56 2.27 -13.31 -20.82
C PRO C 56 3.69 -13.67 -20.43
N SER C 57 4.63 -13.28 -21.27
CA SER C 57 6.04 -13.53 -20.97
C SER C 57 6.42 -12.84 -19.66
N GLY C 58 7.14 -13.57 -18.81
CA GLY C 58 7.52 -13.09 -17.50
C GLY C 58 6.61 -13.53 -16.36
N VAL C 59 5.52 -14.22 -16.66
CA VAL C 59 4.57 -14.67 -15.66
C VAL C 59 4.93 -16.10 -15.27
N PRO C 60 5.06 -16.41 -13.98
CA PRO C 60 5.61 -17.72 -13.58
C PRO C 60 4.79 -18.89 -14.11
N ASP C 61 5.50 -20.02 -14.30
CA ASP C 61 4.86 -21.24 -14.79
C ASP C 61 3.77 -21.73 -13.86
N ARG C 62 3.90 -21.45 -12.55
CA ARG C 62 2.91 -21.91 -11.59
C ARG C 62 1.54 -21.30 -11.83
N PHE C 63 1.49 -20.13 -12.46
CA PHE C 63 0.21 -19.54 -12.82
C PHE C 63 -0.50 -20.39 -13.85
N SER C 64 -1.83 -20.45 -13.72
CA SER C 64 -2.64 -21.18 -14.69
C SER C 64 -4.05 -20.62 -14.64
N GLY C 65 -4.69 -20.59 -15.81
CA GLY C 65 -6.01 -20.04 -15.93
C GLY C 65 -6.92 -21.02 -16.63
N SER C 66 -8.21 -20.88 -16.37
CA SER C 66 -9.19 -21.80 -16.91
C SER C 66 -10.57 -21.16 -16.83
N ARG C 67 -11.49 -21.70 -17.63
CA ARG C 67 -12.86 -21.24 -17.65
C ARG C 67 -13.75 -22.42 -18.01
N SER C 68 -14.94 -22.44 -17.42
CA SER C 68 -15.93 -23.49 -17.69
C SER C 68 -17.29 -22.83 -17.79
N GLY C 69 -17.88 -22.86 -18.98
CA GLY C 69 -19.18 -22.25 -19.16
C GLY C 69 -19.12 -20.76 -18.90
N THR C 70 -19.92 -20.30 -17.94
CA THR C 70 -20.04 -18.90 -17.60
C THR C 70 -19.20 -18.47 -16.41
N SER C 71 -18.24 -19.31 -15.99
CA SER C 71 -17.34 -18.96 -14.89
C SER C 71 -15.91 -19.33 -15.26
N ALA C 72 -14.97 -18.59 -14.66
CA ALA C 72 -13.55 -18.77 -14.89
C ALA C 72 -12.82 -18.63 -13.56
N SER C 73 -11.75 -19.42 -13.40
CA SER C 73 -11.02 -19.49 -12.14
C SER C 73 -9.53 -19.40 -12.43
N LEU C 74 -8.88 -18.36 -11.89
CA LEU C 74 -7.43 -18.27 -11.93
C LEU C 74 -6.88 -19.06 -10.76
N ALA C 75 -5.86 -19.88 -11.03
CA ALA C 75 -5.25 -20.73 -10.01
C ALA C 75 -3.77 -20.41 -9.93
N ILE C 76 -3.27 -20.23 -8.71
CA ILE C 76 -1.85 -20.02 -8.48
C ILE C 76 -1.34 -21.15 -7.59
N GLY C 77 -0.16 -21.67 -7.95
CA GLY C 77 0.45 -22.75 -7.22
C GLY C 77 1.85 -22.38 -6.78
N GLY C 78 2.33 -23.14 -5.80
CA GLY C 78 3.62 -22.85 -5.20
C GLY C 78 3.59 -21.43 -4.70
N LEU C 79 2.64 -21.15 -3.80
CA LEU C 79 2.39 -19.79 -3.34
C LEU C 79 3.64 -19.19 -2.71
N GLN C 80 3.88 -17.93 -3.01
CA GLN C 80 5.02 -17.19 -2.52
C GLN C 80 4.55 -15.82 -2.04
N SER C 81 5.40 -15.15 -1.27
CA SER C 81 5.09 -13.79 -0.84
C SER C 81 4.97 -12.86 -2.04
N GLU C 82 5.71 -13.16 -3.11
CA GLU C 82 5.70 -12.37 -4.33
C GLU C 82 4.29 -12.21 -4.91
N ASP C 83 3.41 -13.16 -4.63
CA ASP C 83 2.06 -13.19 -5.20
C ASP C 83 1.05 -12.38 -4.40
N GLU C 84 1.46 -11.70 -3.34
CA GLU C 84 0.54 -10.95 -2.49
C GLU C 84 0.07 -9.70 -3.23
N ALA C 85 -1.20 -9.69 -3.63
CA ALA C 85 -1.75 -8.56 -4.38
C ALA C 85 -3.26 -8.70 -4.49
N ASP C 86 -3.88 -7.75 -5.20
CA ASP C 86 -5.29 -7.80 -5.55
C ASP C 86 -5.40 -8.29 -6.99
N TYR C 87 -6.29 -9.24 -7.23
CA TYR C 87 -6.42 -9.84 -8.54
C TYR C 87 -7.80 -9.55 -9.12
N PHE C 88 -7.82 -9.20 -10.40
CA PHE C 88 -9.03 -8.82 -11.10
C PHE C 88 -9.21 -9.68 -12.33
N CYS C 89 -10.47 -9.93 -12.67
CA CYS C 89 -10.81 -10.65 -13.88
C CYS C 89 -11.56 -9.69 -14.80
N ALA C 90 -11.32 -9.83 -16.10
CA ALA C 90 -11.92 -8.93 -17.06
C ALA C 90 -12.24 -9.69 -18.33
N ALA C 91 -13.28 -9.23 -19.02
CA ALA C 91 -13.71 -9.85 -20.26
C ALA C 91 -14.59 -8.85 -20.99
N TRP C 92 -14.71 -9.06 -22.30
CA TRP C 92 -15.55 -8.20 -23.11
C TRP C 92 -17.00 -8.65 -22.97
N ASP C 93 -17.89 -7.69 -22.69
CA ASP C 93 -19.30 -7.98 -22.49
C ASP C 93 -20.10 -7.38 -23.65
N ASP C 94 -20.87 -8.23 -24.32
CA ASP C 94 -21.61 -7.81 -25.51
C ASP C 94 -22.80 -6.94 -25.16
N ASN C 95 -23.47 -7.22 -24.04
CA ASN C 95 -24.60 -6.39 -23.61
C ASN C 95 -24.17 -4.95 -23.39
N LEU C 96 -23.13 -4.74 -22.58
CA LEU C 96 -22.62 -3.39 -22.36
C LEU C 96 -21.81 -2.89 -23.54
N ASN C 97 -21.42 -3.78 -24.46
CA ASN C 97 -20.55 -3.43 -25.58
C ASN C 97 -19.24 -2.82 -25.08
N GLY C 98 -18.72 -3.37 -23.99
CA GLY C 98 -17.50 -2.87 -23.39
C GLY C 98 -16.85 -3.92 -22.52
N VAL C 99 -15.82 -3.48 -21.78
CA VAL C 99 -15.04 -4.36 -20.92
C VAL C 99 -15.54 -4.20 -19.49
N ILE C 100 -15.75 -5.33 -18.81
CA ILE C 100 -16.24 -5.34 -17.44
C ILE C 100 -15.21 -6.01 -16.55
N PHE C 101 -14.98 -5.41 -15.38
CA PHE C 101 -13.99 -5.87 -14.41
C PHE C 101 -14.68 -6.53 -13.23
N GLY C 102 -13.90 -7.35 -12.51
CA GLY C 102 -14.41 -7.99 -11.31
C GLY C 102 -14.34 -7.06 -10.11
N GLY C 103 -14.98 -7.49 -9.02
CA GLY C 103 -14.99 -6.69 -7.82
C GLY C 103 -13.60 -6.50 -7.22
N GLY C 104 -12.73 -7.48 -7.39
CA GLY C 104 -11.39 -7.43 -6.83
C GLY C 104 -11.22 -8.45 -5.73
N THR C 105 -10.14 -9.23 -5.79
CA THR C 105 -9.87 -10.26 -4.80
C THR C 105 -8.50 -9.99 -4.19
N LYS C 106 -8.50 -9.72 -2.89
CA LYS C 106 -7.25 -9.51 -2.17
C LYS C 106 -6.65 -10.85 -1.79
N LEU C 107 -5.40 -11.08 -2.19
CA LEU C 107 -4.70 -12.31 -1.89
C LEU C 107 -3.67 -12.04 -0.81
N THR C 108 -3.67 -12.88 0.22
CA THR C 108 -2.76 -12.74 1.34
C THR C 108 -2.24 -14.12 1.72
N VAL C 109 -0.95 -14.20 2.02
CA VAL C 109 -0.35 -15.44 2.48
C VAL C 109 -0.50 -15.50 3.99
N LEU C 110 -1.14 -16.56 4.49
CA LEU C 110 -1.43 -16.66 5.92
C LEU C 110 -0.14 -16.90 6.70
N GLY C 111 0.19 -15.94 7.57
CA GLY C 111 1.31 -16.08 8.47
C GLY C 111 0.87 -16.35 9.89
N GLN C 112 -0.44 -16.36 10.12
CA GLN C 112 -1.02 -16.57 11.44
C GLN C 112 -2.47 -17.02 11.24
N PRO C 113 -3.15 -17.50 12.28
CA PRO C 113 -4.51 -17.99 12.07
C PRO C 113 -5.49 -16.85 11.84
N LYS C 114 -6.59 -17.19 11.16
CA LYS C 114 -7.63 -16.21 10.90
C LYS C 114 -8.22 -15.72 12.23
N ALA C 115 -8.56 -14.45 12.28
CA ALA C 115 -9.08 -13.84 13.50
C ALA C 115 -10.31 -13.01 13.17
N ALA C 116 -11.14 -12.84 14.18
CA ALA C 116 -12.36 -12.06 14.00
C ALA C 116 -12.13 -10.61 14.39
N PRO C 117 -12.84 -9.68 13.77
CA PRO C 117 -12.61 -8.26 14.06
C PRO C 117 -13.23 -7.84 15.38
N SER C 118 -12.57 -6.89 16.03
CA SER C 118 -13.06 -6.27 17.26
C SER C 118 -13.69 -4.93 16.89
N VAL C 119 -15.00 -4.93 16.73
CA VAL C 119 -15.74 -3.73 16.32
C VAL C 119 -16.14 -2.96 17.57
N THR C 120 -15.69 -1.71 17.66
CA THR C 120 -16.09 -0.80 18.73
C THR C 120 -16.55 0.50 18.08
N LEU C 121 -17.84 0.76 18.13
CA LEU C 121 -18.41 1.93 17.48
C LEU C 121 -18.46 3.09 18.46
N PHE C 122 -18.02 4.26 18.01
CA PHE C 122 -17.90 5.42 18.88
C PHE C 122 -18.95 6.46 18.50
N PRO C 123 -19.64 7.04 19.49
CA PRO C 123 -20.56 8.12 19.19
C PRO C 123 -19.79 9.42 19.00
N PRO C 124 -20.42 10.45 18.44
CA PRO C 124 -19.67 11.68 18.17
C PRO C 124 -19.18 12.33 19.45
N SER C 125 -17.93 12.83 19.40
CA SER C 125 -17.33 13.40 20.61
C SER C 125 -17.91 14.76 20.93
N SER C 126 -18.14 15.00 22.22
CA SER C 126 -18.84 16.20 22.68
C SER C 126 -18.19 17.47 22.13
N GLU C 127 -16.86 17.52 22.11
CA GLU C 127 -16.13 18.70 21.67
C GLU C 127 -16.58 19.14 20.28
N GLU C 128 -16.53 18.22 19.31
CA GLU C 128 -16.88 18.60 17.94
C GLU C 128 -18.37 18.95 17.78
N LEU C 129 -19.26 18.29 18.52
CA LEU C 129 -20.67 18.71 18.47
C LEU C 129 -20.84 20.13 18.99
N GLN C 130 -20.01 20.55 19.94
CA GLN C 130 -20.05 21.96 20.31
C GLN C 130 -19.65 22.85 19.14
N ALA C 131 -18.86 22.32 18.22
CA ALA C 131 -18.40 23.03 17.03
C ALA C 131 -19.30 22.82 15.80
N ASN C 132 -20.52 22.32 15.98
CA ASN C 132 -21.46 22.07 14.88
C ASN C 132 -20.92 21.02 13.90
N LYS C 133 -20.13 20.07 14.40
CA LYS C 133 -19.61 18.99 13.59
C LYS C 133 -19.83 17.68 14.33
N ALA C 134 -20.62 16.78 13.76
CA ALA C 134 -20.87 15.47 14.36
C ALA C 134 -20.23 14.41 13.48
N THR C 135 -19.26 13.68 14.03
CA THR C 135 -18.58 12.65 13.27
C THR C 135 -18.52 11.38 14.12
N LEU C 136 -18.75 10.24 13.48
CA LEU C 136 -18.74 8.96 14.14
C LEU C 136 -17.60 8.12 13.57
N VAL C 137 -17.09 7.20 14.38
CA VAL C 137 -15.95 6.39 13.98
C VAL C 137 -16.22 4.96 14.42
N CYS C 138 -16.17 4.03 13.48
CA CYS C 138 -16.26 2.60 13.77
C CYS C 138 -14.84 2.07 13.68
N LEU C 139 -14.42 1.29 14.68
CA LEU C 139 -13.04 0.87 14.79
C LEU C 139 -12.96 -0.65 14.66
N ILE C 140 -12.24 -1.11 13.65
CA ILE C 140 -12.04 -2.52 13.37
C ILE C 140 -10.59 -2.86 13.63
N SER C 141 -10.34 -3.89 14.43
CA SER C 141 -8.97 -4.20 14.81
C SER C 141 -8.81 -5.69 15.08
N ASP C 142 -7.55 -6.12 15.12
CA ASP C 142 -7.17 -7.49 15.43
C ASP C 142 -7.87 -8.50 14.53
N PHE C 143 -8.07 -8.13 13.25
CA PHE C 143 -8.66 -9.04 12.28
C PHE C 143 -7.61 -9.46 11.26
N TYR C 144 -7.69 -10.72 10.82
CA TYR C 144 -6.76 -11.29 9.90
C TYR C 144 -7.54 -12.32 9.11
N PRO C 145 -7.47 -12.31 7.76
CA PRO C 145 -6.71 -11.44 6.85
C PRO C 145 -7.23 -10.00 6.80
N GLY C 146 -6.46 -9.12 6.17
CA GLY C 146 -6.81 -7.72 6.06
C GLY C 146 -7.77 -7.40 4.92
N ALA C 147 -9.00 -7.89 5.01
CA ALA C 147 -10.03 -7.59 4.04
C ALA C 147 -11.38 -7.59 4.73
N VAL C 148 -12.14 -6.50 4.56
CA VAL C 148 -13.42 -6.34 5.24
C VAL C 148 -14.34 -5.52 4.35
N THR C 149 -15.64 -5.60 4.64
CA THR C 149 -16.66 -4.82 3.97
C THR C 149 -17.49 -4.10 5.02
N VAL C 150 -17.65 -2.79 4.85
CA VAL C 150 -18.30 -1.96 5.85
C VAL C 150 -19.63 -1.42 5.32
N ALA C 151 -20.57 -1.25 6.24
CA ALA C 151 -21.89 -0.71 5.91
C ALA C 151 -22.40 0.13 7.08
N TRP C 152 -23.05 1.25 6.76
CA TRP C 152 -23.60 2.17 7.75
C TRP C 152 -25.10 2.34 7.51
N LYS C 153 -25.89 2.05 8.54
CA LYS C 153 -27.34 2.12 8.46
C LYS C 153 -27.91 3.02 9.56
N ALA C 154 -28.91 3.82 9.22
CA ALA C 154 -29.65 4.63 10.19
C ALA C 154 -30.97 3.94 10.45
N ASP C 155 -31.22 3.57 11.71
CA ASP C 155 -32.31 2.66 12.08
C ASP C 155 -32.06 1.39 11.28
N SER C 156 -32.98 0.96 10.40
CA SER C 156 -32.72 -0.14 9.49
C SER C 156 -32.54 0.34 8.05
N SER C 157 -32.37 1.64 7.84
CA SER C 157 -32.19 2.19 6.52
C SER C 157 -30.71 2.43 6.27
N PRO C 158 -30.11 1.88 5.22
CA PRO C 158 -28.67 2.07 5.01
C PRO C 158 -28.36 3.49 4.53
N VAL C 159 -27.26 4.03 5.05
CA VAL C 159 -26.73 5.32 4.60
C VAL C 159 -25.57 5.04 3.66
N LYS C 160 -25.66 5.55 2.43
CA LYS C 160 -24.70 5.23 1.38
C LYS C 160 -23.62 6.28 1.20
N ALA C 161 -23.86 7.53 1.58
CA ALA C 161 -22.95 8.62 1.29
C ALA C 161 -22.45 9.26 2.58
N GLY C 162 -21.32 9.94 2.45
CA GLY C 162 -20.66 10.55 3.59
C GLY C 162 -19.79 9.58 4.36
N VAL C 163 -19.71 8.33 3.92
CA VAL C 163 -18.98 7.28 4.63
C VAL C 163 -17.61 7.13 4.00
N GLU C 164 -16.58 7.16 4.82
CA GLU C 164 -15.20 6.94 4.39
C GLU C 164 -14.62 5.77 5.17
N THR C 165 -13.80 4.96 4.50
CA THR C 165 -13.19 3.79 5.10
C THR C 165 -11.72 3.76 4.73
N THR C 166 -10.88 3.47 5.72
CA THR C 166 -9.45 3.37 5.50
C THR C 166 -9.10 1.95 5.09
N THR C 167 -8.19 1.83 4.14
CA THR C 167 -7.72 0.52 3.74
C THR C 167 -7.05 -0.16 4.94
N PRO C 168 -7.25 -1.45 5.13
CA PRO C 168 -6.68 -2.12 6.31
C PRO C 168 -5.16 -1.93 6.36
N SER C 169 -4.66 -1.67 7.56
CA SER C 169 -3.23 -1.50 7.81
C SER C 169 -2.78 -2.46 8.89
N LYS C 170 -1.50 -2.83 8.84
CA LYS C 170 -0.95 -3.76 9.80
C LYS C 170 -0.69 -3.08 11.14
N GLN C 171 -0.87 -3.85 12.19
CA GLN C 171 -0.65 -3.46 13.57
C GLN C 171 0.67 -4.02 14.05
N SER C 172 1.20 -3.54 15.15
CA SER C 172 2.46 -4.04 15.68
C SER C 172 2.47 -5.56 15.83
N ASN C 173 1.31 -6.21 15.75
CA ASN C 173 1.21 -7.66 15.83
C ASN C 173 0.81 -8.30 14.50
N ASN C 174 1.05 -7.60 13.39
CA ASN C 174 0.72 -8.08 12.04
C ASN C 174 -0.72 -8.59 11.94
N LYS C 175 -1.60 -7.99 12.72
CA LYS C 175 -3.04 -8.17 12.57
C LYS C 175 -3.58 -6.85 12.02
N TYR C 176 -4.50 -6.94 11.08
CA TYR C 176 -4.87 -5.71 10.38
C TYR C 176 -5.87 -4.90 11.20
N ALA C 177 -5.91 -3.60 10.90
CA ALA C 177 -6.82 -2.68 11.57
C ALA C 177 -7.21 -1.58 10.60
N ALA C 178 -8.45 -1.12 10.73
CA ALA C 178 -8.97 -0.06 9.88
C ALA C 178 -10.21 0.52 10.57
N SER C 179 -10.59 1.71 10.14
CA SER C 179 -11.70 2.42 10.76
C SER C 179 -12.51 3.14 9.70
N SER C 180 -13.81 2.84 9.64
CA SER C 180 -14.73 3.57 8.77
C SER C 180 -15.43 4.63 9.60
N TYR C 181 -15.62 5.80 9.00
CA TYR C 181 -16.20 6.92 9.71
C TYR C 181 -17.22 7.62 8.82
N LEU C 182 -18.15 8.32 9.46
CA LEU C 182 -19.24 9.02 8.79
C LEU C 182 -19.36 10.46 9.30
N SER C 183 -19.51 11.39 8.37
CA SER C 183 -19.64 12.82 8.68
C SER C 183 -21.12 13.20 8.69
N LEU C 184 -21.61 13.63 9.85
CA LEU C 184 -23.01 14.01 10.01
C LEU C 184 -23.12 15.45 10.51
N THR C 185 -24.20 16.09 10.16
CA THR C 185 -24.55 17.32 10.83
C THR C 185 -25.28 17.02 12.13
N PRO C 186 -25.19 17.92 13.12
CA PRO C 186 -25.87 17.68 14.40
C PRO C 186 -27.36 17.41 14.25
N GLU C 187 -28.03 18.05 13.29
CA GLU C 187 -29.45 17.76 13.08
C GLU C 187 -29.64 16.29 12.67
N GLN C 188 -28.78 15.78 11.80
CA GLN C 188 -28.85 14.38 11.39
C GLN C 188 -28.60 13.45 12.57
N TRP C 189 -27.60 13.77 13.38
CA TRP C 189 -27.25 12.91 14.51
C TRP C 189 -28.34 12.89 15.56
N LYS C 190 -28.88 14.07 15.92
CA LYS C 190 -29.92 14.14 16.94
C LYS C 190 -31.24 13.56 16.46
N SER C 191 -31.63 13.86 15.22
CA SER C 191 -32.95 13.45 14.72
C SER C 191 -33.12 11.93 14.77
N HIS C 192 -32.30 11.21 14.01
CA HIS C 192 -32.45 9.77 13.90
C HIS C 192 -32.30 9.09 15.26
N LYS C 193 -33.01 7.98 15.44
CA LYS C 193 -32.97 7.27 16.72
C LYS C 193 -31.60 6.64 16.97
N SER C 194 -31.03 5.97 15.96
CA SER C 194 -29.77 5.28 16.14
C SER C 194 -29.11 5.03 14.78
N TYR C 195 -27.82 4.73 14.83
CA TYR C 195 -27.04 4.41 13.64
C TYR C 195 -26.24 3.15 13.91
N SER C 196 -26.01 2.36 12.86
CA SER C 196 -25.34 1.08 12.98
C SER C 196 -24.14 1.01 12.04
N CYS C 197 -23.09 0.34 12.50
CA CYS C 197 -21.91 0.03 11.70
C CYS C 197 -21.85 -1.47 11.48
N GLN C 198 -21.69 -1.89 10.22
CA GLN C 198 -21.71 -3.29 9.84
C GLN C 198 -20.35 -3.66 9.26
N VAL C 199 -19.74 -4.72 9.80
CA VAL C 199 -18.43 -5.20 9.38
C VAL C 199 -18.57 -6.63 8.89
N THR C 200 -17.98 -6.92 7.73
CA THR C 200 -18.05 -8.25 7.11
C THR C 200 -16.64 -8.77 6.91
N HIS C 201 -16.33 -9.89 7.57
CA HIS C 201 -15.00 -10.50 7.48
C HIS C 201 -15.18 -11.97 7.08
N GLU C 202 -14.81 -12.29 5.84
CA GLU C 202 -14.84 -13.67 5.33
C GLU C 202 -16.22 -14.30 5.47
N GLY C 203 -17.26 -13.53 5.12
CA GLY C 203 -18.62 -14.02 5.16
C GLY C 203 -19.32 -13.92 6.50
N SER C 204 -18.60 -13.57 7.56
CA SER C 204 -19.19 -13.40 8.89
C SER C 204 -19.34 -11.91 9.18
N THR C 205 -20.55 -11.50 9.55
CA THR C 205 -20.88 -10.09 9.71
C THR C 205 -21.21 -9.79 11.17
N VAL C 206 -20.72 -8.65 11.66
CA VAL C 206 -20.97 -8.15 13.00
C VAL C 206 -21.55 -6.75 12.89
N GLU C 207 -22.39 -6.38 13.86
CA GLU C 207 -23.02 -5.07 13.86
C GLU C 207 -23.01 -4.49 15.26
N LYS C 208 -22.76 -3.18 15.35
CA LYS C 208 -22.78 -2.43 16.60
C LYS C 208 -23.58 -1.15 16.40
N THR C 209 -24.23 -0.70 17.46
CA THR C 209 -25.16 0.42 17.38
C THR C 209 -24.92 1.37 18.55
N VAL C 210 -25.15 2.66 18.30
CA VAL C 210 -24.97 3.70 19.31
C VAL C 210 -26.12 4.69 19.21
N ALA C 211 -26.45 5.30 20.33
CA ALA C 211 -27.53 6.29 20.43
C ALA C 211 -27.09 7.42 21.35
N PRO C 212 -27.66 8.61 21.18
CA PRO C 212 -27.26 9.73 22.07
C PRO C 212 -27.62 9.49 23.52
N THR C 213 -28.85 9.04 23.79
CA THR C 213 -29.37 8.84 25.15
C THR C 213 -29.16 10.07 26.03
N GLN D 1 12.15 0.00 -24.74
CA GLN D 1 11.04 -0.73 -24.13
C GLN D 1 9.76 0.08 -24.17
N VAL D 2 8.62 -0.60 -24.05
CA VAL D 2 7.33 0.07 -24.12
C VAL D 2 7.18 1.02 -22.93
N GLN D 3 6.63 2.21 -23.20
CA GLN D 3 6.50 3.26 -22.20
C GLN D 3 5.13 3.90 -22.33
N LEU D 4 4.55 4.26 -21.18
CA LEU D 4 3.24 4.89 -21.15
C LEU D 4 3.23 5.96 -20.07
N VAL D 5 3.01 7.20 -20.44
CA VAL D 5 3.03 8.26 -19.52
C VAL D 5 1.79 9.05 -19.65
N GLU D 6 1.06 9.24 -18.57
CA GLU D 6 -0.18 9.98 -18.53
C GLU D 6 0.06 11.35 -17.89
N SER D 7 -0.79 12.31 -18.25
CA SER D 7 -0.67 13.67 -17.76
C SER D 7 -2.02 14.35 -17.89
N GLY D 8 -2.11 15.59 -17.40
CA GLY D 8 -3.31 16.39 -17.45
C GLY D 8 -4.21 16.30 -16.22
N GLY D 9 -3.94 15.35 -15.33
CA GLY D 9 -4.76 15.22 -14.13
C GLY D 9 -4.49 16.33 -13.14
N ALA D 10 -5.56 16.86 -12.55
CA ALA D 10 -5.44 17.93 -11.57
C ALA D 10 -6.68 17.94 -10.70
N LEU D 11 -6.87 19.04 -9.98
CA LEU D 11 -8.00 19.26 -9.09
C LEU D 11 -8.95 20.25 -9.73
N VAL D 12 -10.22 19.87 -9.86
CA VAL D 12 -11.24 20.72 -10.46
C VAL D 12 -12.55 20.52 -9.72
N GLU D 13 -13.40 21.53 -9.77
CA GLU D 13 -14.72 21.47 -9.18
C GLU D 13 -15.70 20.77 -10.14
N PRO D 14 -16.75 20.14 -9.61
CA PRO D 14 -17.68 19.41 -10.48
C PRO D 14 -18.28 20.32 -11.55
N GLY D 15 -18.60 19.72 -12.69
CA GLY D 15 -19.06 20.45 -13.85
C GLY D 15 -17.97 21.07 -14.69
N GLY D 16 -16.73 21.07 -14.21
CA GLY D 16 -15.62 21.59 -14.98
C GLY D 16 -15.18 20.64 -16.07
N SER D 17 -14.07 21.00 -16.71
CA SER D 17 -13.52 20.22 -17.80
C SER D 17 -12.05 19.91 -17.54
N LEU D 18 -11.55 18.87 -18.20
CA LEU D 18 -10.17 18.47 -18.08
C LEU D 18 -9.79 17.65 -19.30
N ARG D 19 -8.53 17.71 -19.68
CA ARG D 19 -8.00 16.96 -20.82
C ARG D 19 -6.82 16.13 -20.35
N LEU D 20 -6.92 14.81 -20.53
CA LEU D 20 -5.85 13.90 -20.20
C LEU D 20 -5.02 13.62 -21.45
N SER D 21 -3.72 13.48 -21.25
CA SER D 21 -2.78 13.25 -22.35
C SER D 21 -1.92 12.04 -21.99
N CYS D 22 -1.83 11.09 -22.92
CA CYS D 22 -1.00 9.90 -22.76
C CYS D 22 -0.07 9.80 -23.95
N VAL D 23 1.22 9.62 -23.66
CA VAL D 23 2.25 9.53 -24.68
C VAL D 23 2.83 8.12 -24.65
N ALA D 24 2.97 7.52 -25.82
CA ALA D 24 3.47 6.17 -25.94
C ALA D 24 4.85 6.16 -26.58
N SER D 25 5.57 5.07 -26.35
CA SER D 25 6.91 4.91 -26.89
C SER D 25 7.26 3.43 -26.85
N GLY D 26 8.11 3.00 -27.79
CA GLY D 26 8.59 1.64 -27.84
C GLY D 26 7.78 0.69 -28.69
N PHE D 27 6.71 1.15 -29.30
CA PHE D 27 5.86 0.31 -30.15
C PHE D 27 5.13 1.20 -31.13
N PRO D 28 4.71 0.66 -32.27
CA PRO D 28 3.90 1.45 -33.22
C PRO D 28 2.54 1.80 -32.64
N PHE D 29 2.37 3.08 -32.29
CA PHE D 29 1.12 3.52 -31.66
C PHE D 29 -0.09 3.26 -32.55
N ASN D 30 0.00 3.65 -33.82
CA ASN D 30 -1.14 3.53 -34.73
C ASN D 30 -1.53 2.08 -35.01
N GLU D 31 -0.73 1.10 -34.59
CA GLU D 31 -1.04 -0.27 -34.90
C GLU D 31 -2.05 -0.88 -33.92
N TYR D 32 -1.93 -0.54 -32.64
CA TYR D 32 -2.80 -1.10 -31.62
C TYR D 32 -3.91 -0.12 -31.24
N ASP D 33 -4.93 -0.68 -30.62
CA ASP D 33 -6.00 0.13 -30.05
C ASP D 33 -5.64 0.46 -28.62
N MET D 34 -6.05 1.63 -28.17
CA MET D 34 -5.74 2.11 -26.84
C MET D 34 -7.02 2.25 -26.02
N SER D 35 -6.86 2.58 -24.75
CA SER D 35 -8.00 2.60 -23.86
C SER D 35 -7.68 3.44 -22.63
N TRP D 36 -8.73 3.70 -21.84
CA TRP D 36 -8.60 4.35 -20.56
C TRP D 36 -9.26 3.47 -19.52
N VAL D 37 -8.53 3.15 -18.46
CA VAL D 37 -9.05 2.40 -17.33
C VAL D 37 -8.84 3.26 -16.10
N ARG D 38 -9.86 3.36 -15.26
CA ARG D 38 -9.81 4.25 -14.11
C ARG D 38 -10.11 3.48 -12.84
N GLN D 39 -9.55 3.96 -11.74
CA GLN D 39 -9.70 3.34 -10.43
C GLN D 39 -10.03 4.43 -9.43
N ALA D 40 -11.26 4.40 -8.90
CA ALA D 40 -11.66 5.36 -7.89
C ALA D 40 -10.94 5.06 -6.57
N PRO D 41 -10.77 6.07 -5.72
CA PRO D 41 -10.06 5.83 -4.46
C PRO D 41 -10.80 4.81 -3.59
N GLY D 42 -10.07 3.77 -3.20
CA GLY D 42 -10.67 2.71 -2.41
C GLY D 42 -11.71 1.89 -3.14
N LYS D 43 -11.62 1.79 -4.46
CA LYS D 43 -12.55 0.99 -5.25
C LYS D 43 -11.78 0.19 -6.28
N GLY D 44 -12.46 -0.78 -6.88
CA GLY D 44 -11.85 -1.65 -7.86
C GLY D 44 -11.60 -0.93 -9.17
N LEU D 45 -11.01 -1.67 -10.11
CA LEU D 45 -10.75 -1.11 -11.43
C LEU D 45 -12.06 -0.82 -12.15
N GLU D 46 -12.10 0.32 -12.85
CA GLU D 46 -13.26 0.69 -13.65
C GLU D 46 -12.84 0.98 -15.08
N TRP D 47 -13.74 0.63 -15.99
CA TRP D 47 -13.51 0.70 -17.42
C TRP D 47 -14.03 2.03 -17.94
N VAL D 48 -13.24 2.71 -18.77
CA VAL D 48 -13.65 4.03 -19.25
C VAL D 48 -13.93 3.97 -20.74
N SER D 49 -12.89 3.88 -21.57
CA SER D 49 -13.12 3.93 -23.01
C SER D 49 -11.96 3.30 -23.76
N THR D 50 -12.24 2.90 -25.01
CA THR D 50 -11.25 2.43 -25.98
C THR D 50 -11.46 3.16 -27.29
N ILE D 51 -10.38 3.32 -28.05
CA ILE D 51 -10.43 3.94 -29.37
C ILE D 51 -9.59 3.09 -30.33
N LYS D 52 -10.14 2.83 -31.52
CA LYS D 52 -9.56 1.88 -32.45
C LYS D 52 -8.23 2.40 -33.03
N SER D 53 -7.49 1.49 -33.65
CA SER D 53 -6.17 1.81 -34.21
C SER D 53 -6.20 3.07 -35.07
N ASP D 54 -7.15 3.14 -36.00
CA ASP D 54 -7.28 4.31 -36.87
C ASP D 54 -7.93 5.50 -36.17
N GLY D 55 -8.67 5.24 -35.09
CA GLY D 55 -9.51 6.26 -34.50
C GLY D 55 -10.90 6.33 -35.07
N ALA D 56 -11.33 5.27 -35.76
CA ALA D 56 -12.60 5.29 -36.46
C ALA D 56 -13.77 5.00 -35.51
N TYR D 57 -13.56 4.15 -34.51
CA TYR D 57 -14.63 3.73 -33.61
C TYR D 57 -14.22 4.00 -32.17
N THR D 58 -15.13 4.60 -31.42
CA THR D 58 -14.92 4.92 -30.02
C THR D 58 -15.99 4.22 -29.19
N TYR D 59 -15.56 3.55 -28.13
CA TYR D 59 -16.48 2.88 -27.21
C TYR D 59 -16.36 3.54 -25.84
N TYR D 60 -17.50 3.78 -25.20
CA TYR D 60 -17.51 4.43 -23.89
C TYR D 60 -18.29 3.59 -22.89
N GLY D 61 -17.92 3.74 -21.63
CA GLY D 61 -18.67 3.09 -20.56
C GLY D 61 -20.01 3.78 -20.33
N ASP D 62 -20.96 3.01 -19.81
CA ASP D 62 -22.31 3.53 -19.59
C ASP D 62 -22.30 4.71 -18.63
N ASN D 63 -21.33 4.77 -17.71
CA ASN D 63 -21.28 5.85 -16.74
C ASN D 63 -20.84 7.17 -17.35
N VAL D 64 -20.12 7.14 -18.48
CA VAL D 64 -19.58 8.36 -19.06
C VAL D 64 -20.04 8.54 -20.52
N LYS D 65 -21.09 7.82 -20.92
CA LYS D 65 -21.59 7.92 -22.29
C LYS D 65 -22.07 9.34 -22.58
N GLY D 66 -21.49 9.95 -23.60
CA GLY D 66 -21.85 11.31 -23.99
C GLY D 66 -21.20 12.40 -23.17
N ARG D 67 -20.44 12.06 -22.13
CA ARG D 67 -19.74 13.04 -21.31
C ARG D 67 -18.28 13.21 -21.68
N PHE D 68 -17.58 12.12 -21.99
CA PHE D 68 -16.17 12.17 -22.33
C PHE D 68 -15.96 12.00 -23.83
N THR D 69 -14.89 12.61 -24.34
CA THR D 69 -14.48 12.48 -25.73
C THR D 69 -13.09 11.88 -25.76
N ILE D 70 -12.96 10.71 -26.35
CA ILE D 70 -11.65 10.05 -26.49
C ILE D 70 -11.16 10.33 -27.90
N SER D 71 -9.86 10.55 -28.01
CA SER D 71 -9.25 10.91 -29.29
C SER D 71 -7.79 10.51 -29.24
N ARG D 72 -7.17 10.43 -30.41
CA ARG D 72 -5.77 10.06 -30.49
C ARG D 72 -5.11 10.80 -31.65
N ASP D 73 -3.81 11.01 -31.50
CA ASP D 73 -2.97 11.70 -32.48
C ASP D 73 -1.84 10.74 -32.83
N ASN D 74 -2.15 9.76 -33.70
CA ASN D 74 -1.17 8.74 -34.07
C ASN D 74 0.10 9.37 -34.64
N ALA D 75 -0.01 10.54 -35.29
CA ALA D 75 1.17 11.22 -35.79
C ALA D 75 2.13 11.58 -34.67
N LYS D 76 1.60 11.90 -33.49
CA LYS D 76 2.41 12.27 -32.34
C LYS D 76 2.44 11.17 -31.29
N ASN D 77 1.92 9.99 -31.61
CA ASN D 77 1.90 8.85 -30.68
C ASN D 77 1.30 9.27 -29.33
N THR D 78 0.23 10.06 -29.38
CA THR D 78 -0.33 10.64 -28.18
C THR D 78 -1.81 10.30 -28.10
N LEU D 79 -2.29 10.04 -26.89
CA LEU D 79 -3.66 9.66 -26.65
C LEU D 79 -4.29 10.74 -25.76
N TYR D 80 -5.50 11.16 -26.10
CA TYR D 80 -6.19 12.17 -25.33
C TYR D 80 -7.52 11.64 -24.83
N LEU D 81 -7.94 12.14 -23.67
CA LEU D 81 -9.27 11.91 -23.13
C LEU D 81 -9.82 13.24 -22.64
N GLN D 82 -10.84 13.74 -23.31
CA GLN D 82 -11.47 15.00 -22.95
C GLN D 82 -12.62 14.71 -21.99
N MET D 83 -12.59 15.34 -20.83
CA MET D 83 -13.54 15.10 -19.77
C MET D 83 -14.35 16.37 -19.58
N ASN D 84 -15.66 16.29 -19.84
CA ASN D 84 -16.54 17.45 -19.76
C ASN D 84 -17.66 17.19 -18.77
N SER D 85 -18.10 18.26 -18.12
CA SER D 85 -19.18 18.21 -17.12
C SER D 85 -18.91 17.12 -16.09
N LEU D 86 -17.72 17.19 -15.47
CA LEU D 86 -17.31 16.19 -14.51
C LEU D 86 -18.22 16.17 -13.29
N LYS D 87 -18.50 14.96 -12.80
CA LYS D 87 -19.19 14.76 -11.54
C LYS D 87 -18.19 14.32 -10.48
N SER D 88 -18.67 14.29 -9.23
CA SER D 88 -17.79 13.88 -8.14
C SER D 88 -17.51 12.38 -8.15
N GLU D 89 -18.37 11.58 -8.78
CA GLU D 89 -18.13 10.16 -8.91
C GLU D 89 -16.97 9.85 -9.86
N ASP D 90 -16.53 10.80 -10.66
CA ASP D 90 -15.43 10.60 -11.60
C ASP D 90 -14.07 10.63 -10.92
N THR D 91 -14.01 11.03 -9.65
CA THR D 91 -12.74 11.09 -8.92
C THR D 91 -12.05 9.74 -8.90
N GLY D 92 -10.76 9.73 -9.19
CA GLY D 92 -9.99 8.51 -9.17
C GLY D 92 -8.71 8.64 -9.96
N VAL D 93 -8.09 7.49 -10.20
CA VAL D 93 -6.85 7.40 -10.98
C VAL D 93 -7.22 6.95 -12.38
N TYR D 94 -6.46 7.41 -13.38
CA TYR D 94 -6.75 7.09 -14.77
C TYR D 94 -5.51 6.48 -15.42
N TYR D 95 -5.70 5.36 -16.11
CA TYR D 95 -4.60 4.63 -16.70
C TYR D 95 -4.70 4.64 -18.22
N CYS D 96 -3.53 4.46 -18.82
CA CYS D 96 -3.37 4.29 -20.26
C CYS D 96 -3.09 2.81 -20.49
N ALA D 97 -3.84 2.20 -21.40
CA ALA D 97 -3.73 0.76 -21.60
C ALA D 97 -3.67 0.44 -23.09
N LYS D 98 -2.67 -0.35 -23.46
CA LYS D 98 -2.48 -0.86 -24.81
C LYS D 98 -3.31 -2.15 -24.99
N GLU D 99 -3.40 -2.61 -26.23
CA GLU D 99 -4.19 -3.79 -26.54
C GLU D 99 -3.44 -4.68 -27.52
N ALA D 100 -3.60 -6.00 -27.33
CA ALA D 100 -2.82 -6.98 -28.08
C ALA D 100 -3.49 -7.46 -29.35
N ARG D 101 -4.82 -7.39 -29.44
CA ARG D 101 -5.50 -7.91 -30.63
C ARG D 101 -6.79 -7.15 -30.91
N VAL D 104 -10.87 -5.24 -29.56
CA VAL D 104 -12.23 -5.66 -29.29
C VAL D 104 -12.17 -6.71 -28.16
N SER D 105 -11.04 -6.71 -27.44
CA SER D 105 -10.82 -7.63 -26.33
C SER D 105 -10.42 -6.87 -25.08
N GLY D 106 -10.42 -7.57 -23.95
CA GLY D 106 -10.00 -6.97 -22.69
C GLY D 106 -8.60 -7.35 -22.26
N THR D 107 -7.67 -7.45 -23.21
CA THR D 107 -6.29 -7.82 -22.91
C THR D 107 -5.43 -6.58 -23.08
N TYR D 108 -4.83 -6.12 -21.99
CA TYR D 108 -3.97 -4.94 -22.02
C TYR D 108 -2.57 -5.32 -21.60
N ASP D 109 -1.62 -5.18 -22.54
CA ASP D 109 -0.24 -5.57 -22.29
C ASP D 109 0.42 -4.63 -21.29
N TYR D 110 0.50 -3.35 -21.65
CA TYR D 110 1.24 -2.35 -20.90
C TYR D 110 0.30 -1.29 -20.36
N TRP D 111 0.52 -0.89 -19.12
CA TRP D 111 -0.29 0.10 -18.45
C TRP D 111 0.56 1.33 -18.13
N GLY D 112 -0.10 2.46 -18.06
CA GLY D 112 0.59 3.68 -17.73
C GLY D 112 0.74 3.84 -16.23
N GLN D 113 1.41 4.90 -15.83
CA GLN D 113 1.60 5.13 -14.45
C GLN D 113 0.31 5.51 -13.83
N GLY D 114 -0.45 6.34 -14.52
CA GLY D 114 -1.73 6.81 -14.02
C GLY D 114 -1.67 8.28 -13.62
N THR D 115 -2.84 8.90 -13.59
CA THR D 115 -2.96 10.29 -13.16
C THR D 115 -4.17 10.41 -12.24
N GLN D 116 -4.07 11.34 -11.29
CA GLN D 116 -5.12 11.54 -10.30
C GLN D 116 -6.05 12.65 -10.78
N VAL D 117 -7.34 12.34 -10.81
CA VAL D 117 -8.37 13.31 -11.16
C VAL D 117 -9.26 13.43 -9.93
N THR D 118 -9.39 14.64 -9.42
CA THR D 118 -10.10 14.89 -8.16
C THR D 118 -11.19 15.93 -8.40
N VAL D 119 -12.39 15.63 -7.91
CA VAL D 119 -13.56 16.49 -8.08
C VAL D 119 -14.23 16.62 -6.71
N SER D 120 -14.41 17.85 -6.25
CA SER D 120 -15.01 18.08 -4.94
C SER D 120 -15.77 19.40 -4.89
CL CL E . 1.89 -0.75 6.02
CL CL F . 25.50 12.68 -11.20
CL CL G . 0.20 3.64 33.36
CL CL H . -1.45 5.97 -1.72
CL CL I . 29.76 -7.10 16.44
CL CL J . 28.42 -23.04 -5.39
CL CL K . 24.81 -12.04 -11.15
CL CL L . 18.87 -10.28 -13.08
CL CL M . -22.40 -9.39 -13.95
CL CL N . -15.89 -6.50 20.44
CL CL O . -1.50 -24.63 -17.75
CL CL P . -6.93 -25.44 -20.92
CL CL Q . -13.54 5.26 0.50
CL CL R . -5.54 3.05 -5.66
CL CL S . 9.01 -4.34 -22.69
#